data_6KHN
#
_entry.id   6KHN
#
_cell.length_a   156.274
_cell.length_b   156.274
_cell.length_c   102.392
_cell.angle_alpha   90.000
_cell.angle_beta   90.000
_cell.angle_gamma   120.000
#
_symmetry.space_group_name_H-M   'P 31 2 1'
#
loop_
_entity.id
_entity.type
_entity.pdbx_description
1 polymer 'Tryptophan decarboxylase 1'
2 non-polymer "PYRIDOXAL-5'-PHOSPHATE"
3 non-polymer SEROTONIN
4 non-polymer 'CALCIUM ION'
5 non-polymer DI(HYDROXYETHYL)ETHER
6 non-polymer 'ACETATE ION'
7 water water
#
_entity_poly.entity_id   1
_entity_poly.type   'polypeptide(L)'
_entity_poly.pdbx_seq_one_letter_code
;MGSLDTNPTAFSAFPAGEGETFQPLNADDVRSYLHKAVDFISDYYKSVESMPVLPNVKPGYLQDELRASPPTYSAPFDVT
MKELRSSVVPGMTHWASPNFFAFFPSTNSAAAIAGDLIASAMNTVGFTWQASPAATEMEVLALDWLAQMLNLPTSFMNRT
GEGRGTGGGVILGTTSEAMLVTLVAARDAALRRSGSDGVAGLHRLAVYAADQTHSTFFKACRLAGFDPANIRSIPTGAET
DYGLDPARLLEAMQADADAGLVPTYVCATVGTTSSNAVDPVGAVADVAARFAAWVHVDAAYAGSACICPEFRHHLDGVER
VDSISMSPHKWLMTCLDCTCLYVRDTHRLTGSLETNPEYLKNHASDSGEVTDLKDMQVGVGRRFRGLKLWMVMRTYGVAK
LQEHIRSDVAMAKVFEDLVRGDDRFEVVVPRNFALVCFRIRAGAGAAAATEEDADEANRELMERLNKTGKAYVAHTVVGG
RFVLRFAVGSSLQEEHHVRSAWELIKKTTTEMMN
;
_entity_poly.pdbx_strand_id   A,B
#
loop_
_chem_comp.id
_chem_comp.type
_chem_comp.name
_chem_comp.formula
ACT non-polymer 'ACETATE ION' 'C2 H3 O2 -1'
CA non-polymer 'CALCIUM ION' 'Ca 2'
PEG non-polymer DI(HYDROXYETHYL)ETHER 'C4 H10 O3'
PLP non-polymer PYRIDOXAL-5'-PHOSPHATE 'C8 H10 N O6 P'
SRO non-polymer SEROTONIN 'C10 H12 N2 O'
#
# COMPACT_ATOMS: atom_id res chain seq x y z
N THR A 21 -5.50 -17.14 -27.55
CA THR A 21 -5.11 -16.20 -28.60
C THR A 21 -4.99 -14.75 -28.09
N PHE A 22 -5.72 -14.39 -27.02
CA PHE A 22 -5.51 -13.07 -26.41
C PHE A 22 -4.35 -13.14 -25.44
N GLN A 23 -3.30 -12.38 -25.71
CA GLN A 23 -2.06 -12.43 -24.95
C GLN A 23 -1.74 -11.01 -24.50
N PRO A 24 -2.12 -10.65 -23.27
CA PRO A 24 -1.96 -9.25 -22.83
C PRO A 24 -0.51 -8.81 -22.69
N LEU A 25 0.45 -9.73 -22.60
CA LEU A 25 1.87 -9.38 -22.51
C LEU A 25 2.64 -9.70 -23.79
N ASN A 26 1.98 -9.81 -24.92
CA ASN A 26 2.72 -10.06 -26.17
C ASN A 26 3.74 -8.95 -26.39
N ALA A 27 4.82 -9.31 -27.10
CA ALA A 27 5.96 -8.41 -27.24
C ALA A 27 5.62 -7.14 -28.00
N ASP A 28 4.79 -7.24 -29.04
CA ASP A 28 4.43 -6.03 -29.81
C ASP A 28 3.73 -5.00 -28.92
N ASP A 29 2.69 -5.43 -28.21
CA ASP A 29 1.95 -4.51 -27.34
C ASP A 29 2.82 -3.95 -26.22
N VAL A 30 3.63 -4.82 -25.58
CA VAL A 30 4.43 -4.35 -24.46
C VAL A 30 5.35 -3.22 -24.91
N ARG A 31 5.98 -3.37 -26.06
CA ARG A 31 6.90 -2.34 -26.55
C ARG A 31 6.14 -1.08 -26.95
N SER A 32 5.08 -1.22 -27.74
CA SER A 32 4.45 -0.01 -28.27
C SER A 32 3.60 0.70 -27.21
N TYR A 33 2.90 -0.03 -26.34
CA TYR A 33 2.17 0.66 -25.28
C TYR A 33 3.14 1.48 -24.43
N LEU A 34 4.27 0.89 -24.04
CA LEU A 34 5.16 1.62 -23.15
C LEU A 34 5.85 2.77 -23.86
N HIS A 35 6.11 2.62 -25.18
CA HIS A 35 6.71 3.73 -25.93
C HIS A 35 5.74 4.90 -26.03
N LYS A 36 4.45 4.60 -26.21
CA LYS A 36 3.44 5.63 -26.21
C LYS A 36 3.35 6.29 -24.83
N ALA A 37 3.49 5.50 -23.76
CA ALA A 37 3.46 6.07 -22.42
C ALA A 37 4.65 7.00 -22.18
N VAL A 38 5.84 6.61 -22.67
CA VAL A 38 7.03 7.44 -22.49
C VAL A 38 6.89 8.75 -23.27
N ASP A 39 6.42 8.66 -24.53
CA ASP A 39 6.14 9.87 -25.31
C ASP A 39 5.18 10.79 -24.56
N PHE A 40 4.14 10.23 -23.92
CA PHE A 40 3.24 11.07 -23.14
C PHE A 40 3.97 11.72 -21.97
N ILE A 41 4.78 10.95 -21.25
CA ILE A 41 5.52 11.50 -20.12
C ILE A 41 6.46 12.61 -20.59
N SER A 42 7.12 12.41 -21.73
CA SER A 42 8.00 13.43 -22.29
C SER A 42 7.26 14.73 -22.56
N ASP A 43 6.15 14.64 -23.31
CA ASP A 43 5.31 15.80 -23.57
C ASP A 43 4.82 16.42 -22.28
N TYR A 44 4.39 15.58 -21.33
CA TYR A 44 3.80 16.10 -20.10
C TYR A 44 4.77 16.99 -19.37
N TYR A 45 6.00 16.52 -19.18
CA TYR A 45 6.96 17.32 -18.42
C TYR A 45 7.29 18.60 -19.17
N LYS A 46 7.34 18.56 -20.50
CA LYS A 46 7.69 19.75 -21.27
C LYS A 46 6.56 20.77 -21.27
N SER A 47 5.32 20.33 -21.10
CA SER A 47 4.18 21.23 -21.21
C SER A 47 3.49 21.51 -19.88
N VAL A 48 3.87 20.85 -18.79
CA VAL A 48 3.05 20.95 -17.58
C VAL A 48 3.11 22.35 -16.98
N GLU A 49 4.22 23.07 -17.16
CA GLU A 49 4.30 24.43 -16.62
C GLU A 49 3.26 25.35 -17.26
N SER A 50 2.89 25.09 -18.51
CA SER A 50 1.97 25.95 -19.23
C SER A 50 0.50 25.64 -18.92
N MET A 51 0.22 24.53 -18.25
CA MET A 51 -1.14 24.24 -17.81
C MET A 51 -1.41 24.96 -16.49
N PRO A 52 -2.68 25.21 -16.17
CA PRO A 52 -3.01 25.74 -14.86
C PRO A 52 -2.82 24.67 -13.79
N VAL A 53 -2.16 25.03 -12.68
CA VAL A 53 -1.85 24.04 -11.65
C VAL A 53 -3.13 23.41 -11.14
N LEU A 54 -4.13 24.22 -10.83
CA LEU A 54 -5.43 23.69 -10.43
C LEU A 54 -6.36 23.57 -11.64
N PRO A 55 -7.12 22.49 -11.75
CA PRO A 55 -8.04 22.35 -12.87
C PRO A 55 -9.30 23.17 -12.65
N ASN A 56 -10.08 23.27 -13.73
CA ASN A 56 -11.33 24.00 -13.74
C ASN A 56 -12.41 23.01 -14.21
N VAL A 57 -12.78 22.09 -13.31
CA VAL A 57 -13.79 21.08 -13.60
C VAL A 57 -14.75 21.01 -12.42
N LYS A 58 -15.93 20.50 -12.69
CA LYS A 58 -16.86 20.31 -11.59
C LYS A 58 -16.89 18.85 -11.18
N PRO A 59 -17.24 18.56 -9.93
CA PRO A 59 -17.38 17.15 -9.50
C PRO A 59 -18.36 16.39 -10.38
N GLY A 60 -17.94 15.21 -10.83
CA GLY A 60 -18.76 14.37 -11.68
C GLY A 60 -18.49 14.50 -13.16
N TYR A 61 -17.55 15.37 -13.56
CA TYR A 61 -17.28 15.59 -14.97
C TYR A 61 -16.77 14.32 -15.66
N LEU A 62 -16.09 13.44 -14.93
CA LEU A 62 -15.34 12.37 -15.59
C LEU A 62 -16.26 11.31 -16.18
N GLN A 63 -17.18 10.79 -15.37
CA GLN A 63 -18.10 9.78 -15.88
C GLN A 63 -18.99 10.36 -16.99
N ASP A 64 -19.19 11.68 -17.00
CA ASP A 64 -19.86 12.31 -18.13
C ASP A 64 -19.09 12.10 -19.42
N GLU A 65 -17.75 12.24 -19.36
CA GLU A 65 -16.92 12.26 -20.56
C GLU A 65 -16.54 10.85 -21.00
N LEU A 66 -15.91 10.07 -20.13
CA LEU A 66 -15.86 8.64 -20.34
C LEU A 66 -17.26 8.12 -20.10
N ARG A 67 -17.52 6.85 -20.26
CA ARG A 67 -18.95 6.58 -20.10
C ARG A 67 -19.29 6.03 -18.71
N ALA A 68 -20.57 5.76 -18.48
CA ALA A 68 -20.99 5.18 -17.21
C ALA A 68 -20.70 3.69 -17.14
N SER A 69 -20.58 3.04 -18.29
CA SER A 69 -20.34 1.60 -18.32
C SER A 69 -19.03 1.31 -19.02
N PRO A 70 -18.36 0.21 -18.70
CA PRO A 70 -17.15 -0.16 -19.44
C PRO A 70 -17.53 -0.66 -20.83
N PRO A 71 -16.63 -0.56 -21.81
CA PRO A 71 -16.95 -1.05 -23.16
C PRO A 71 -16.91 -2.56 -23.24
N THR A 72 -17.76 -3.11 -24.10
CA THR A 72 -17.79 -4.56 -24.34
C THR A 72 -16.57 -5.01 -25.10
N TYR A 73 -16.13 -4.21 -26.09
CA TYR A 73 -15.11 -4.57 -27.05
C TYR A 73 -13.83 -3.80 -26.77
N SER A 74 -12.77 -4.19 -27.47
CA SER A 74 -11.45 -3.64 -27.25
C SER A 74 -11.26 -2.37 -28.08
N ALA A 75 -10.21 -1.64 -27.76
CA ALA A 75 -9.86 -0.42 -28.47
C ALA A 75 -8.35 -0.33 -28.57
N PRO A 76 -7.82 0.23 -29.65
CA PRO A 76 -6.38 0.45 -29.73
C PRO A 76 -5.91 1.27 -28.54
N PHE A 77 -4.69 0.99 -28.09
CA PHE A 77 -4.15 1.73 -26.95
C PHE A 77 -4.05 3.22 -27.25
N ASP A 78 -3.91 3.59 -28.53
CA ASP A 78 -3.93 4.99 -28.91
C ASP A 78 -5.20 5.70 -28.46
N VAL A 79 -6.33 4.99 -28.45
CA VAL A 79 -7.57 5.60 -27.99
C VAL A 79 -7.51 5.83 -26.48
N THR A 80 -7.04 4.82 -25.73
CA THR A 80 -6.83 4.98 -24.29
C THR A 80 -5.96 6.19 -23.99
N MET A 81 -4.85 6.34 -24.73
CA MET A 81 -3.98 7.50 -24.53
C MET A 81 -4.67 8.80 -24.93
N LYS A 82 -5.52 8.80 -25.97
CA LYS A 82 -6.24 10.02 -26.30
C LYS A 82 -7.22 10.40 -25.19
N GLU A 83 -7.91 9.43 -24.59
CA GLU A 83 -8.82 9.75 -23.49
C GLU A 83 -8.05 10.19 -22.25
N LEU A 84 -6.87 9.62 -22.03
CA LEU A 84 -5.96 10.17 -21.02
C LEU A 84 -5.70 11.66 -21.27
N ARG A 85 -5.34 12.02 -22.50
CA ARG A 85 -4.93 13.40 -22.76
C ARG A 85 -6.10 14.36 -22.74
N SER A 86 -7.29 13.94 -23.19
CA SER A 86 -8.43 14.84 -23.37
C SER A 86 -9.31 14.97 -22.15
N SER A 87 -9.46 13.89 -21.36
CA SER A 87 -10.39 13.86 -20.25
C SER A 87 -9.73 13.77 -18.88
N VAL A 88 -8.57 13.15 -18.77
CA VAL A 88 -7.94 12.97 -17.47
C VAL A 88 -7.00 14.12 -17.14
N VAL A 89 -6.04 14.43 -18.02
CA VAL A 89 -5.09 15.51 -17.76
C VAL A 89 -5.78 16.85 -17.46
N PRO A 90 -6.80 17.28 -18.21
CA PRO A 90 -7.41 18.59 -17.91
C PRO A 90 -8.11 18.66 -16.57
N GLY A 91 -8.30 17.54 -15.89
CA GLY A 91 -8.90 17.50 -14.57
C GLY A 91 -7.93 17.23 -13.45
N MET A 92 -6.63 17.22 -13.72
CA MET A 92 -5.63 16.95 -12.70
C MET A 92 -5.19 18.21 -11.99
N THR A 93 -4.86 18.05 -10.70
CA THR A 93 -3.99 18.98 -10.02
C THR A 93 -2.55 18.54 -10.28
N HIS A 94 -1.73 19.45 -10.83
CA HIS A 94 -0.42 19.06 -11.33
C HIS A 94 0.61 19.21 -10.22
N TRP A 95 0.76 18.14 -9.43
CA TRP A 95 1.83 18.07 -8.46
C TRP A 95 3.20 18.24 -9.10
N ALA A 96 3.35 17.84 -10.36
CA ALA A 96 4.65 17.91 -11.01
C ALA A 96 4.96 19.29 -11.54
N SER A 97 4.01 20.22 -11.47
CA SER A 97 4.23 21.54 -12.02
C SER A 97 5.32 22.27 -11.24
N PRO A 98 6.17 23.05 -11.91
CA PRO A 98 7.11 23.90 -11.17
C PRO A 98 6.42 24.98 -10.32
N ASN A 99 5.12 25.20 -10.50
CA ASN A 99 4.37 26.20 -9.76
C ASN A 99 3.46 25.60 -8.71
N PHE A 100 3.64 24.32 -8.40
CA PHE A 100 2.95 23.68 -7.29
C PHE A 100 3.70 24.02 -6.00
N PHE A 101 3.03 24.69 -5.05
CA PHE A 101 3.68 25.17 -3.84
C PHE A 101 3.02 24.69 -2.56
N ALA A 102 2.17 23.67 -2.61
CA ALA A 102 1.33 23.27 -1.50
C ALA A 102 1.85 21.98 -0.83
N PHE A 103 1.38 21.76 0.39
CA PHE A 103 1.60 20.51 1.16
C PHE A 103 3.11 20.26 1.24
N PHE A 104 3.58 19.09 0.84
CA PHE A 104 4.99 18.96 0.53
C PHE A 104 5.12 18.41 -0.88
N PRO A 105 6.08 18.89 -1.65
CA PRO A 105 6.19 18.42 -3.03
C PRO A 105 6.48 16.93 -3.07
N SER A 106 6.00 16.27 -4.12
CA SER A 106 6.27 14.85 -4.30
C SER A 106 7.44 14.74 -5.29
N THR A 107 8.66 14.86 -4.75
CA THR A 107 9.83 14.87 -5.62
C THR A 107 10.01 13.51 -6.30
N ASN A 108 10.54 13.55 -7.51
CA ASN A 108 10.60 12.39 -8.39
C ASN A 108 11.90 12.44 -9.18
N SER A 109 12.19 11.35 -9.89
CA SER A 109 13.43 11.29 -10.67
C SER A 109 13.27 10.23 -11.75
N ALA A 110 14.05 10.38 -12.81
CA ALA A 110 13.99 9.40 -13.89
C ALA A 110 14.34 8.00 -13.39
N ALA A 111 15.29 7.92 -12.45
CA ALA A 111 15.71 6.60 -11.98
C ALA A 111 14.61 5.91 -11.18
N ALA A 112 13.90 6.66 -10.32
CA ALA A 112 12.80 6.08 -9.54
C ALA A 112 11.66 5.66 -10.45
N ILE A 113 11.28 6.50 -11.41
CA ILE A 113 10.27 6.09 -12.37
C ILE A 113 10.70 4.82 -13.10
N ALA A 114 11.97 4.74 -13.50
CA ALA A 114 12.45 3.54 -14.20
C ALA A 114 12.41 2.30 -13.31
N GLY A 115 12.80 2.46 -12.04
CA GLY A 115 12.74 1.34 -11.11
C GLY A 115 11.33 0.84 -10.89
N ASP A 116 10.38 1.74 -10.66
CA ASP A 116 8.98 1.32 -10.47
C ASP A 116 8.42 0.66 -11.72
N LEU A 117 8.73 1.21 -12.90
CA LEU A 117 8.29 0.55 -14.14
C LEU A 117 8.78 -0.89 -14.20
N ILE A 118 10.08 -1.10 -13.94
CA ILE A 118 10.63 -2.45 -13.98
C ILE A 118 9.96 -3.34 -12.94
N ALA A 119 9.75 -2.82 -11.72
CA ALA A 119 9.09 -3.61 -10.69
C ALA A 119 7.66 -3.96 -11.10
N SER A 120 6.92 -3.00 -11.66
CA SER A 120 5.58 -3.29 -12.18
C SER A 120 5.59 -4.37 -13.25
N ALA A 121 6.66 -4.44 -14.05
CA ALA A 121 6.64 -5.41 -15.14
C ALA A 121 7.05 -6.80 -14.65
N MET A 122 8.05 -6.90 -13.78
CA MET A 122 8.38 -8.20 -13.21
C MET A 122 7.27 -8.68 -12.27
N ASN A 123 6.69 -7.75 -11.50
CA ASN A 123 5.44 -8.00 -10.78
C ASN A 123 5.54 -9.20 -9.83
N THR A 124 6.69 -9.31 -9.15
CA THR A 124 6.87 -10.30 -8.10
C THR A 124 6.12 -9.88 -6.84
N VAL A 125 5.81 -10.86 -6.00
CA VAL A 125 5.10 -10.64 -4.74
C VAL A 125 5.98 -11.19 -3.62
N GLY A 126 6.56 -10.29 -2.84
CA GLY A 126 7.61 -10.73 -1.93
C GLY A 126 7.17 -10.97 -0.50
N PHE A 127 6.10 -11.74 -0.28
CA PHE A 127 5.66 -11.91 1.10
C PHE A 127 6.68 -12.67 1.94
N THR A 128 7.40 -13.63 1.34
CA THR A 128 8.51 -14.29 2.00
C THR A 128 9.79 -14.04 1.22
N TRP A 129 10.93 -14.26 1.88
CA TRP A 129 12.20 -14.24 1.18
C TRP A 129 12.19 -15.19 0.00
N GLN A 130 11.68 -16.41 0.21
CA GLN A 130 11.66 -17.43 -0.83
C GLN A 130 10.78 -17.04 -2.01
N ALA A 131 9.64 -16.39 -1.74
CA ALA A 131 8.75 -15.91 -2.80
C ALA A 131 9.44 -15.05 -3.83
N SER A 132 10.62 -14.43 -3.48
CA SER A 132 11.61 -13.83 -4.42
C SER A 132 12.82 -13.27 -3.69
N PRO A 133 13.92 -14.03 -3.56
CA PRO A 133 15.04 -13.59 -2.71
C PRO A 133 15.55 -12.17 -3.00
N ALA A 134 15.69 -11.80 -4.27
CA ALA A 134 16.26 -10.50 -4.60
C ALA A 134 15.35 -9.36 -4.16
N ALA A 135 14.02 -9.54 -4.21
CA ALA A 135 13.13 -8.48 -3.82
C ALA A 135 13.32 -8.12 -2.34
N THR A 136 13.47 -9.13 -1.48
CA THR A 136 13.68 -8.88 -0.05
C THR A 136 15.10 -8.44 0.25
N GLU A 137 16.10 -9.04 -0.39
CA GLU A 137 17.48 -8.67 -0.08
C GLU A 137 17.81 -7.27 -0.57
N MET A 138 17.23 -6.82 -1.69
CA MET A 138 17.51 -5.45 -2.12
C MET A 138 16.80 -4.43 -1.26
N GLU A 139 15.61 -4.76 -0.77
CA GLU A 139 14.92 -3.87 0.16
C GLU A 139 15.75 -3.68 1.43
N VAL A 140 16.28 -4.77 1.98
CA VAL A 140 17.17 -4.68 3.13
C VAL A 140 18.40 -3.84 2.79
N LEU A 141 19.00 -4.08 1.63
CA LEU A 141 20.17 -3.31 1.23
C LEU A 141 19.82 -1.84 1.11
N ALA A 142 18.69 -1.53 0.46
CA ALA A 142 18.31 -0.13 0.27
C ALA A 142 18.05 0.55 1.62
N LEU A 143 17.39 -0.15 2.54
CA LEU A 143 17.19 0.40 3.88
C LEU A 143 18.52 0.63 4.59
N ASP A 144 19.46 -0.31 4.43
CA ASP A 144 20.76 -0.14 5.07
C ASP A 144 21.51 1.06 4.50
N TRP A 145 21.50 1.21 3.17
CA TRP A 145 22.14 2.36 2.52
C TRP A 145 21.56 3.68 3.01
N LEU A 146 20.22 3.76 3.10
CA LEU A 146 19.57 4.98 3.56
C LEU A 146 19.90 5.25 5.04
N ALA A 147 19.91 4.18 5.85
CA ALA A 147 20.34 4.31 7.24
C ALA A 147 21.76 4.87 7.34
N GLN A 148 22.65 4.49 6.42
CA GLN A 148 24.01 5.02 6.45
C GLN A 148 24.03 6.50 6.05
N MET A 149 23.30 6.88 5.00
CA MET A 149 23.18 8.29 4.64
C MET A 149 22.63 9.12 5.79
N LEU A 150 21.62 8.60 6.48
CA LEU A 150 21.02 9.32 7.61
C LEU A 150 21.89 9.28 8.85
N ASN A 151 22.99 8.51 8.84
CA ASN A 151 23.81 8.30 10.02
C ASN A 151 22.97 7.78 11.19
N LEU A 152 22.01 6.91 10.90
CA LEU A 152 21.27 6.28 11.98
C LEU A 152 22.23 5.49 12.85
N PRO A 153 22.01 5.46 14.18
CA PRO A 153 22.76 4.52 15.03
C PRO A 153 22.64 3.10 14.47
N THR A 154 23.75 2.34 14.58
CA THR A 154 23.78 0.99 14.04
C THR A 154 22.73 0.10 14.69
N SER A 155 22.24 0.45 15.88
CA SER A 155 21.18 -0.32 16.49
C SER A 155 19.92 -0.39 15.62
N PHE A 156 19.77 0.50 14.64
CA PHE A 156 18.64 0.41 13.72
C PHE A 156 18.89 -0.49 12.51
N MET A 157 20.13 -0.94 12.28
CA MET A 157 20.49 -1.67 11.08
C MET A 157 20.78 -3.14 11.37
N ASN A 158 20.76 -3.95 10.32
CA ASN A 158 21.33 -5.29 10.37
C ASN A 158 22.29 -5.50 9.20
N GLY A 163 26.95 -9.92 14.25
CA GLY A 163 25.69 -10.63 14.13
C GLY A 163 24.90 -10.82 15.43
N ARG A 164 24.84 -9.79 16.27
CA ARG A 164 23.97 -9.80 17.44
C ARG A 164 22.91 -8.70 17.44
N GLY A 165 22.82 -7.89 16.39
CA GLY A 165 21.84 -6.82 16.37
C GLY A 165 20.41 -7.35 16.30
N THR A 166 19.48 -6.56 16.82
CA THR A 166 18.05 -6.82 16.69
C THR A 166 17.35 -5.76 15.86
N GLY A 167 18.04 -4.70 15.46
CA GLY A 167 17.42 -3.64 14.69
C GLY A 167 17.11 -4.09 13.27
N GLY A 168 16.34 -3.26 12.57
CA GLY A 168 15.96 -3.58 11.21
C GLY A 168 14.88 -2.66 10.72
N GLY A 169 14.46 -2.90 9.48
CA GLY A 169 13.68 -1.94 8.74
C GLY A 169 12.72 -2.60 7.78
N VAL A 170 11.77 -1.81 7.30
CA VAL A 170 10.82 -2.25 6.31
C VAL A 170 10.37 -1.03 5.52
N ILE A 171 10.23 -1.20 4.21
CA ILE A 171 9.59 -0.20 3.36
C ILE A 171 8.10 -0.46 3.37
N LEU A 172 7.33 0.56 3.74
CA LEU A 172 5.87 0.49 3.70
C LEU A 172 5.36 1.52 2.72
N GLY A 173 4.04 1.50 2.50
CA GLY A 173 3.42 2.48 1.63
C GLY A 173 3.30 3.87 2.23
N THR A 174 3.00 3.96 3.52
CA THR A 174 2.59 5.23 4.12
C THR A 174 3.14 5.35 5.52
N THR A 175 3.29 6.60 5.96
CA THR A 175 3.56 6.86 7.37
C THR A 175 2.45 6.31 8.27
N SER A 176 1.19 6.37 7.80
CA SER A 176 0.09 5.84 8.58
C SER A 176 0.31 4.37 8.93
N GLU A 177 0.76 3.56 7.97
CA GLU A 177 1.00 2.15 8.28
C GLU A 177 2.15 2.00 9.26
N ALA A 178 3.19 2.84 9.12
CA ALA A 178 4.33 2.82 10.03
C ALA A 178 3.89 3.18 11.45
N MET A 179 3.03 4.19 11.60
CA MET A 179 2.47 4.49 12.90
C MET A 179 1.61 3.34 13.40
N LEU A 180 0.82 2.75 12.51
CA LEU A 180 -0.10 1.70 12.94
C LEU A 180 0.65 0.49 13.51
N VAL A 181 1.69 0.03 12.81
CA VAL A 181 2.31 -1.23 13.26
C VAL A 181 3.11 -1.01 14.55
N THR A 182 3.65 0.19 14.76
CA THR A 182 4.36 0.46 16.00
C THR A 182 3.41 0.71 17.16
N LEU A 183 2.27 1.38 16.90
CA LEU A 183 1.23 1.48 17.92
C LEU A 183 0.74 0.10 18.35
N VAL A 184 0.58 -0.81 17.40
CA VAL A 184 0.08 -2.14 17.76
C VAL A 184 1.12 -2.89 18.61
N ALA A 185 2.40 -2.77 18.26
CA ALA A 185 3.42 -3.44 19.05
C ALA A 185 3.51 -2.83 20.44
N ALA A 186 3.43 -1.50 20.53
CA ALA A 186 3.43 -0.86 21.84
C ALA A 186 2.20 -1.27 22.65
N ARG A 187 1.03 -1.30 22.01
CA ARG A 187 -0.20 -1.69 22.70
C ARG A 187 -0.07 -3.09 23.28
N ASP A 188 0.38 -4.04 22.46
CA ASP A 188 0.44 -5.43 22.91
C ASP A 188 1.43 -5.60 24.06
N ALA A 189 2.54 -4.87 24.03
CA ALA A 189 3.47 -4.96 25.15
C ALA A 189 2.88 -4.34 26.41
N ALA A 190 2.16 -3.22 26.28
CA ALA A 190 1.56 -2.59 27.45
C ALA A 190 0.46 -3.47 28.05
N LEU A 191 -0.41 -4.02 27.21
CA LEU A 191 -1.43 -4.92 27.73
C LEU A 191 -0.81 -6.12 28.44
N ARG A 192 0.26 -6.67 27.86
CA ARG A 192 0.89 -7.85 28.45
C ARG A 192 1.45 -7.55 29.83
N ARG A 193 2.26 -6.49 29.94
CA ARG A 193 2.99 -6.26 31.18
C ARG A 193 2.12 -5.63 32.27
N SER A 194 1.02 -4.98 31.90
CA SER A 194 0.13 -4.36 32.88
C SER A 194 -1.02 -5.28 33.28
N GLY A 195 -0.97 -6.56 32.92
CA GLY A 195 -1.94 -7.50 33.45
C GLY A 195 -3.35 -7.39 32.89
N SER A 196 -3.49 -6.96 31.65
CA SER A 196 -4.83 -6.92 31.05
C SER A 196 -5.40 -8.33 30.93
N ASP A 197 -6.69 -8.45 31.21
CA ASP A 197 -7.42 -9.70 30.95
C ASP A 197 -7.87 -9.63 29.48
N GLY A 198 -7.06 -10.20 28.59
CA GLY A 198 -7.31 -10.01 27.18
C GLY A 198 -7.20 -8.54 26.83
N VAL A 199 -8.21 -8.00 26.14
CA VAL A 199 -8.27 -6.57 25.83
C VAL A 199 -9.17 -5.79 26.79
N ALA A 200 -9.67 -6.44 27.85
CA ALA A 200 -10.44 -5.70 28.86
C ALA A 200 -9.69 -4.48 29.38
N GLY A 201 -8.36 -4.54 29.45
CA GLY A 201 -7.59 -3.40 29.90
C GLY A 201 -7.23 -2.38 28.84
N LEU A 202 -7.70 -2.55 27.59
CA LEU A 202 -7.33 -1.63 26.52
C LEU A 202 -7.80 -0.22 26.80
N HIS A 203 -8.94 -0.07 27.46
CA HIS A 203 -9.40 1.27 27.78
C HIS A 203 -8.52 1.99 28.82
N ARG A 204 -7.50 1.34 29.38
CA ARG A 204 -6.61 1.99 30.33
C ARG A 204 -5.32 2.52 29.71
N LEU A 205 -5.07 2.27 28.43
CA LEU A 205 -3.81 2.70 27.83
C LEU A 205 -3.95 4.13 27.34
N ALA A 206 -2.87 4.89 27.41
CA ALA A 206 -2.88 6.25 26.92
C ALA A 206 -1.69 6.48 25.98
N VAL A 207 -1.90 7.38 25.00
CA VAL A 207 -0.90 7.77 24.02
C VAL A 207 -0.86 9.30 23.91
N TYR A 208 0.28 9.81 23.45
CA TYR A 208 0.58 11.23 23.46
C TYR A 208 1.23 11.65 22.15
N ALA A 209 0.86 12.84 21.67
CA ALA A 209 1.58 13.52 20.61
C ALA A 209 1.29 15.02 20.75
N ALA A 210 2.20 15.85 20.25
CA ALA A 210 1.91 17.27 20.15
C ALA A 210 0.68 17.50 19.26
N ASP A 211 0.04 18.66 19.45
CA ASP A 211 -1.10 19.00 18.60
C ASP A 211 -0.70 19.29 17.16
N GLN A 212 0.59 19.51 16.88
CA GLN A 212 1.10 19.67 15.53
C GLN A 212 1.36 18.33 14.84
N THR A 213 1.09 17.21 15.50
CA THR A 213 1.33 15.92 14.88
C THR A 213 0.29 15.68 13.80
N HIS A 214 0.72 15.07 12.69
CA HIS A 214 -0.19 14.87 11.56
C HIS A 214 -1.42 14.09 11.98
N SER A 215 -2.57 14.45 11.43
CA SER A 215 -3.82 13.86 11.87
C SER A 215 -3.88 12.35 11.64
N THR A 216 -3.10 11.83 10.70
CA THR A 216 -3.07 10.39 10.50
C THR A 216 -2.57 9.64 11.75
N PHE A 217 -1.78 10.29 12.62
CA PHE A 217 -1.39 9.57 13.83
C PHE A 217 -2.59 9.32 14.73
N PHE A 218 -3.45 10.32 14.92
CA PHE A 218 -4.65 10.14 15.74
C PHE A 218 -5.60 9.12 15.12
N LYS A 219 -5.67 9.09 13.79
CA LYS A 219 -6.45 8.06 13.10
C LYS A 219 -5.87 6.66 13.35
N ALA A 220 -4.53 6.52 13.29
CA ALA A 220 -3.95 5.22 13.53
C ALA A 220 -4.18 4.74 14.97
N CYS A 221 -4.20 5.68 15.95
CA CYS A 221 -4.57 5.30 17.31
C CYS A 221 -5.97 4.73 17.39
N ARG A 222 -6.93 5.36 16.71
CA ARG A 222 -8.30 4.83 16.73
C ARG A 222 -8.38 3.46 16.07
N LEU A 223 -7.61 3.24 14.99
CA LEU A 223 -7.64 1.94 14.31
C LEU A 223 -7.13 0.83 15.22
N ALA A 224 -6.08 1.10 16.00
CA ALA A 224 -5.51 0.12 16.93
C ALA A 224 -6.37 -0.13 18.15
N GLY A 225 -7.47 0.58 18.33
CA GLY A 225 -8.36 0.33 19.45
C GLY A 225 -8.10 1.16 20.69
N PHE A 226 -7.23 2.17 20.61
CA PHE A 226 -7.07 3.08 21.74
C PHE A 226 -8.35 3.88 21.94
N ASP A 227 -8.66 4.14 23.21
CA ASP A 227 -9.86 4.91 23.56
C ASP A 227 -9.68 6.38 23.18
N PRO A 228 -10.66 7.00 22.52
CA PRO A 228 -10.54 8.44 22.19
C PRO A 228 -10.32 9.33 23.38
N ALA A 229 -10.86 8.98 24.56
CA ALA A 229 -10.61 9.77 25.75
C ALA A 229 -9.15 9.70 26.20
N ASN A 230 -8.42 8.66 25.80
CA ASN A 230 -7.06 8.47 26.26
C ASN A 230 -6.01 8.90 25.24
N ILE A 231 -6.42 9.47 24.12
CA ILE A 231 -5.48 9.96 23.11
C ILE A 231 -5.23 11.43 23.38
N ARG A 232 -4.03 11.74 23.86
CA ARG A 232 -3.70 13.07 24.37
C ARG A 232 -3.01 13.87 23.28
N SER A 233 -3.61 15.01 22.93
CA SER A 233 -3.00 15.95 22.00
C SER A 233 -2.47 17.11 22.83
N ILE A 234 -1.15 17.15 23.02
CA ILE A 234 -0.49 18.13 23.87
C ILE A 234 -0.45 19.49 23.18
N PRO A 235 -0.97 20.55 23.80
CA PRO A 235 -0.85 21.88 23.21
C PRO A 235 0.60 22.33 23.09
N THR A 236 0.88 23.03 22.00
CA THR A 236 2.16 23.67 21.74
C THR A 236 1.92 25.15 21.52
N GLY A 237 2.96 25.95 21.71
CA GLY A 237 2.83 27.38 21.53
C GLY A 237 4.08 28.00 20.97
N ALA A 238 3.96 29.29 20.66
CA ALA A 238 5.06 30.05 20.08
C ALA A 238 6.33 30.01 20.92
N GLU A 239 6.20 29.75 22.23
CA GLU A 239 7.37 29.71 23.10
C GLU A 239 8.38 28.68 22.64
N THR A 240 7.92 27.53 22.12
CA THR A 240 8.77 26.45 21.65
C THR A 240 8.79 26.34 20.11
N ASP A 241 8.38 27.40 19.40
CA ASP A 241 8.22 27.37 17.95
C ASP A 241 7.32 26.22 17.52
N TYR A 242 6.30 25.97 18.36
CA TYR A 242 5.27 24.95 18.19
C TYR A 242 5.82 23.52 18.22
N GLY A 243 7.05 23.34 18.72
CA GLY A 243 7.53 22.01 19.07
C GLY A 243 6.97 21.52 20.41
N LEU A 244 7.01 20.20 20.59
CA LEU A 244 6.51 19.60 21.82
C LEU A 244 7.37 20.02 23.00
N ASP A 245 6.73 20.59 24.01
CA ASP A 245 7.39 20.95 25.27
C ASP A 245 7.53 19.71 26.14
N PRO A 246 8.76 19.24 26.38
CA PRO A 246 8.91 17.99 27.16
C PRO A 246 8.40 18.10 28.59
N ALA A 247 8.46 19.29 29.22
CA ALA A 247 7.88 19.46 30.55
C ALA A 247 6.37 19.21 30.52
N ARG A 248 5.70 19.70 29.48
CA ARG A 248 4.26 19.51 29.40
C ARG A 248 3.90 18.06 29.08
N LEU A 249 4.79 17.32 28.39
CA LEU A 249 4.52 15.91 28.15
C LEU A 249 4.68 15.11 29.44
N LEU A 250 5.73 15.40 30.23
CA LEU A 250 5.91 14.76 31.53
C LEU A 250 4.71 14.98 32.44
N GLU A 251 4.23 16.22 32.52
CA GLU A 251 3.01 16.53 33.26
C GLU A 251 1.85 15.64 32.82
N ALA A 252 1.63 15.52 31.50
CA ALA A 252 0.51 14.72 31.02
C ALA A 252 0.69 13.23 31.31
N MET A 253 1.90 12.70 31.14
CA MET A 253 2.11 11.28 31.41
C MET A 253 2.05 10.97 32.91
N GLN A 254 2.62 11.84 33.75
CA GLN A 254 2.59 11.61 35.19
C GLN A 254 1.16 11.64 35.72
N ALA A 255 0.38 12.63 35.30
CA ALA A 255 -1.03 12.68 35.68
C ALA A 255 -1.76 11.38 35.33
N ASP A 256 -1.53 10.87 34.12
CA ASP A 256 -2.21 9.66 33.66
C ASP A 256 -1.79 8.44 34.49
N ALA A 257 -0.48 8.28 34.71
CA ALA A 257 -0.02 7.19 35.56
C ALA A 257 -0.61 7.28 36.96
N ASP A 258 -0.61 8.49 37.55
CA ASP A 258 -1.17 8.67 38.89
C ASP A 258 -2.65 8.33 38.94
N ALA A 259 -3.36 8.44 37.81
CA ALA A 259 -4.77 8.10 37.77
C ALA A 259 -5.02 6.64 37.44
N GLY A 260 -3.97 5.82 37.37
CA GLY A 260 -4.12 4.41 37.07
C GLY A 260 -4.13 4.06 35.59
N LEU A 261 -3.95 5.03 34.70
CA LEU A 261 -3.79 4.71 33.28
C LEU A 261 -2.36 4.25 32.98
N VAL A 262 -2.16 3.68 31.81
CA VAL A 262 -0.86 3.17 31.41
C VAL A 262 -0.36 3.99 30.22
N PRO A 263 0.58 4.91 30.44
CA PRO A 263 1.23 5.59 29.30
C PRO A 263 1.92 4.56 28.43
N THR A 264 1.55 4.55 27.14
CA THR A 264 1.89 3.45 26.25
C THR A 264 2.78 3.84 25.07
N TYR A 265 2.65 5.05 24.54
CA TYR A 265 3.27 5.41 23.28
C TYR A 265 3.28 6.92 23.17
N VAL A 266 4.39 7.44 22.65
CA VAL A 266 4.58 8.86 22.42
C VAL A 266 5.06 9.01 20.99
N CYS A 267 4.47 9.94 20.24
CA CYS A 267 4.90 10.26 18.88
C CYS A 267 5.55 11.63 18.87
N ALA A 268 6.82 11.67 18.50
CA ALA A 268 7.56 12.91 18.29
C ALA A 268 7.69 13.14 16.80
N THR A 269 7.45 14.37 16.35
CA THR A 269 7.57 14.73 14.94
C THR A 269 8.76 15.67 14.74
N VAL A 270 9.57 15.37 13.72
CA VAL A 270 10.63 16.24 13.24
C VAL A 270 10.22 16.75 11.86
N GLY A 271 9.79 18.01 11.80
CA GLY A 271 9.29 18.59 10.55
C GLY A 271 7.79 18.47 10.41
N THR A 272 7.04 19.19 11.24
CA THR A 272 5.60 19.01 11.27
C THR A 272 4.98 19.48 9.96
N THR A 273 3.80 18.92 9.68
CA THR A 273 3.17 19.18 8.40
C THR A 273 2.80 20.65 8.25
N SER A 274 2.32 21.28 9.32
CA SER A 274 1.77 22.62 9.19
C SER A 274 2.85 23.69 9.06
N SER A 275 3.80 23.72 10.00
CA SER A 275 4.77 24.80 10.06
C SER A 275 6.21 24.31 10.17
N ASN A 276 6.44 22.99 10.11
CA ASN A 276 7.78 22.40 10.15
C ASN A 276 8.44 22.62 11.51
N ALA A 277 7.64 22.56 12.58
CA ALA A 277 8.19 22.50 13.93
C ALA A 277 8.96 21.20 14.10
N VAL A 278 9.89 21.21 15.05
CA VAL A 278 10.75 20.07 15.35
C VAL A 278 10.66 19.77 16.84
N ASP A 279 10.28 18.56 17.18
CA ASP A 279 10.24 18.15 18.56
C ASP A 279 11.64 17.76 19.04
N PRO A 280 11.98 18.02 20.32
CA PRO A 280 13.29 17.60 20.84
C PRO A 280 13.33 16.10 21.11
N VAL A 281 13.95 15.34 20.23
CA VAL A 281 13.81 13.89 20.28
C VAL A 281 14.42 13.31 21.55
N GLY A 282 15.63 13.75 21.90
CA GLY A 282 16.29 13.23 23.10
C GLY A 282 15.46 13.44 24.35
N ALA A 283 15.05 14.69 24.60
CA ALA A 283 14.30 14.99 25.81
C ALA A 283 12.98 14.23 25.85
N VAL A 284 12.34 14.06 24.69
CA VAL A 284 11.07 13.33 24.68
C VAL A 284 11.29 11.88 25.05
N ALA A 285 12.36 11.29 24.52
CA ALA A 285 12.68 9.90 24.85
C ALA A 285 12.97 9.75 26.34
N ASP A 286 13.65 10.73 26.91
CA ASP A 286 14.00 10.66 28.34
C ASP A 286 12.75 10.79 29.21
N VAL A 287 11.81 11.65 28.83
CA VAL A 287 10.56 11.75 29.58
C VAL A 287 9.80 10.42 29.53
N ALA A 288 9.70 9.84 28.33
CA ALA A 288 8.91 8.63 28.13
C ALA A 288 9.57 7.41 28.75
N ALA A 289 10.90 7.43 28.88
CA ALA A 289 11.58 6.30 29.50
C ALA A 289 11.24 6.17 30.98
N ARG A 290 10.72 7.23 31.63
CA ARG A 290 10.25 7.07 32.99
C ARG A 290 9.03 6.16 33.08
N PHE A 291 8.31 5.98 31.96
CA PHE A 291 7.12 5.14 31.96
C PHE A 291 7.26 3.90 31.11
N ALA A 292 8.45 3.68 30.52
CA ALA A 292 8.68 2.57 29.60
C ALA A 292 7.73 2.65 28.40
N ALA A 293 7.42 3.88 27.97
CA ALA A 293 6.56 4.06 26.81
C ALA A 293 7.36 3.95 25.52
N TRP A 294 6.69 3.44 24.47
CA TRP A 294 7.26 3.41 23.13
C TRP A 294 7.41 4.83 22.59
N VAL A 295 8.57 5.12 21.98
CA VAL A 295 8.79 6.42 21.35
C VAL A 295 9.04 6.22 19.85
N HIS A 296 8.16 6.81 19.04
CA HIS A 296 8.31 6.80 17.59
C HIS A 296 8.56 8.22 17.07
N VAL A 297 9.52 8.36 16.16
CA VAL A 297 9.83 9.64 15.52
C VAL A 297 9.25 9.64 14.10
N ASP A 298 8.33 10.57 13.83
CA ASP A 298 7.80 10.78 12.50
C ASP A 298 8.61 11.89 11.83
N ALA A 299 9.46 11.51 10.89
CA ALA A 299 10.24 12.46 10.10
C ALA A 299 9.88 12.34 8.63
N ALA A 300 8.58 12.23 8.34
CA ALA A 300 8.11 11.90 7.00
C ALA A 300 8.75 12.78 5.94
N TYR A 301 8.70 14.09 6.13
CA TYR A 301 9.24 15.05 5.19
C TYR A 301 10.72 15.35 5.46
N ALA A 302 11.02 15.86 6.66
CA ALA A 302 12.33 16.41 6.97
C ALA A 302 13.40 15.35 7.19
N GLY A 303 13.03 14.09 7.40
CA GLY A 303 14.04 13.06 7.55
C GLY A 303 15.02 13.00 6.39
N SER A 304 14.55 13.27 5.16
CA SER A 304 15.45 13.26 3.99
C SER A 304 16.56 14.30 4.12
N ALA A 305 16.26 15.46 4.70
CA ALA A 305 17.29 16.48 4.88
C ALA A 305 18.42 16.00 5.78
N CYS A 306 18.16 15.04 6.66
CA CYS A 306 19.18 14.63 7.61
C CYS A 306 20.31 13.83 6.98
N ILE A 307 20.27 13.57 5.67
CA ILE A 307 21.46 13.09 4.98
C ILE A 307 22.51 14.17 4.84
N CYS A 308 22.15 15.39 5.11
CA CYS A 308 23.10 16.50 5.15
C CYS A 308 23.57 16.75 6.59
N PRO A 309 24.87 16.88 6.83
CA PRO A 309 25.37 17.04 8.21
C PRO A 309 24.79 18.25 8.94
N GLU A 310 24.53 19.36 8.25
CA GLU A 310 24.03 20.55 8.93
C GLU A 310 22.58 20.42 9.39
N PHE A 311 21.88 19.35 9.02
CA PHE A 311 20.53 19.10 9.50
C PHE A 311 20.44 17.91 10.44
N ARG A 312 21.52 17.12 10.56
CA ARG A 312 21.44 15.85 11.27
C ARG A 312 21.23 16.05 12.78
N HIS A 313 21.49 17.25 13.31
CA HIS A 313 21.24 17.49 14.73
C HIS A 313 19.75 17.35 15.08
N HIS A 314 18.86 17.62 14.13
CA HIS A 314 17.45 17.47 14.42
C HIS A 314 17.08 16.06 14.86
N LEU A 315 17.91 15.05 14.58
CA LEU A 315 17.64 13.69 15.00
C LEU A 315 18.44 13.25 16.22
N ASP A 316 19.20 14.16 16.85
CA ASP A 316 19.96 13.78 18.04
C ASP A 316 19.01 13.27 19.12
N GLY A 317 19.41 12.17 19.76
CA GLY A 317 18.55 11.46 20.66
C GLY A 317 17.85 10.26 20.05
N VAL A 318 17.92 10.11 18.72
CA VAL A 318 17.25 9.00 18.04
C VAL A 318 17.77 7.66 18.52
N GLU A 319 19.02 7.61 19.02
CA GLU A 319 19.56 6.37 19.56
C GLU A 319 18.80 5.86 20.79
N ARG A 320 17.92 6.68 21.37
CA ARG A 320 17.11 6.24 22.51
C ARG A 320 15.63 6.08 22.19
N VAL A 321 15.21 6.17 20.93
CA VAL A 321 13.80 5.97 20.57
C VAL A 321 13.62 4.53 20.13
N ASP A 322 12.36 4.11 19.99
CA ASP A 322 12.07 2.74 19.56
C ASP A 322 11.94 2.60 18.05
N SER A 323 11.55 3.65 17.36
CA SER A 323 11.26 3.56 15.93
C SER A 323 11.28 4.94 15.33
N ILE A 324 11.60 4.99 14.04
CA ILE A 324 11.59 6.22 13.28
C ILE A 324 11.20 5.87 11.85
N SER A 325 10.39 6.74 11.26
CA SER A 325 9.96 6.57 9.89
C SER A 325 10.22 7.86 9.13
N MET A 326 10.44 7.73 7.83
CA MET A 326 10.55 8.87 6.94
C MET A 326 10.21 8.41 5.54
N SER A 327 9.81 9.36 4.69
CA SER A 327 9.27 9.00 3.38
C SER A 327 10.14 9.54 2.27
N PRO A 328 10.95 8.70 1.62
CA PRO A 328 11.61 9.14 0.38
C PRO A 328 10.64 9.66 -0.67
N HIS A 329 9.36 9.26 -0.65
CA HIS A 329 8.42 9.79 -1.62
C HIS A 329 7.99 11.22 -1.34
N LYS A 330 8.54 11.85 -0.32
CA LYS A 330 8.34 13.29 -0.21
C LYS A 330 9.56 13.98 -0.78
N TRP A 331 10.70 13.90 -0.10
CA TRP A 331 11.83 14.76 -0.41
C TRP A 331 13.08 13.96 -0.82
N LEU A 332 12.93 12.71 -1.25
CA LEU A 332 14.10 11.98 -1.72
C LEU A 332 13.91 11.39 -3.12
N MET A 333 13.14 12.08 -3.98
CA MET A 333 13.14 11.82 -5.42
C MET A 333 12.71 10.39 -5.76
N THR A 334 11.83 9.80 -4.96
CA THR A 334 11.35 8.44 -5.15
C THR A 334 9.83 8.51 -5.21
N CYS A 335 9.26 8.20 -6.36
CA CYS A 335 7.81 8.37 -6.56
C CYS A 335 7.00 7.51 -5.59
N LEU A 336 5.79 7.98 -5.26
CA LEU A 336 4.92 7.23 -4.34
C LEU A 336 4.67 5.81 -4.85
N ASP A 337 4.57 4.83 -3.94
CA ASP A 337 4.67 4.99 -2.47
C ASP A 337 6.03 4.49 -1.97
N CYS A 338 6.57 5.16 -0.96
CA CYS A 338 7.84 4.72 -0.39
C CYS A 338 8.04 5.39 0.97
N THR A 339 7.79 4.64 2.05
CA THR A 339 8.01 5.11 3.40
C THR A 339 8.88 4.08 4.10
N CYS A 340 9.95 4.54 4.76
CA CYS A 340 10.90 3.65 5.42
C CYS A 340 10.68 3.68 6.93
N LEU A 341 10.52 2.50 7.52
CA LEU A 341 10.39 2.34 8.95
C LEU A 341 11.61 1.60 9.49
N TYR A 342 12.25 2.17 10.52
CA TYR A 342 13.35 1.54 11.23
C TYR A 342 12.96 1.34 12.70
N VAL A 343 13.25 0.16 13.24
CA VAL A 343 13.01 -0.13 14.65
C VAL A 343 14.28 -0.67 15.28
N ARG A 344 14.42 -0.45 16.59
CA ARG A 344 15.56 -0.99 17.31
C ARG A 344 15.40 -2.47 17.65
N ASP A 345 14.17 -3.01 17.69
CA ASP A 345 13.96 -4.44 17.94
C ASP A 345 12.84 -4.99 17.04
N THR A 346 13.23 -5.62 15.91
CA THR A 346 12.23 -6.16 15.01
C THR A 346 11.33 -7.19 15.69
N HIS A 347 11.85 -7.88 16.72
CA HIS A 347 11.08 -8.91 17.42
C HIS A 347 9.82 -8.34 18.08
N ARG A 348 9.84 -7.06 18.49
CA ARG A 348 8.64 -6.45 19.05
C ARG A 348 7.58 -6.21 17.98
N LEU A 349 8.00 -6.04 16.72
CA LEU A 349 7.05 -5.91 15.62
C LEU A 349 6.56 -7.26 15.13
N THR A 350 7.48 -8.18 14.89
CA THR A 350 7.05 -9.46 14.35
C THR A 350 6.24 -10.25 15.37
N GLY A 351 6.46 -10.00 16.67
CA GLY A 351 5.64 -10.65 17.70
C GLY A 351 4.16 -10.40 17.53
N SER A 352 3.79 -9.20 17.12
CA SER A 352 2.38 -8.88 16.86
C SER A 352 1.94 -9.14 15.41
N LEU A 353 2.85 -9.12 14.43
CA LEU A 353 2.42 -9.11 13.02
C LEU A 353 2.65 -10.41 12.27
N GLU A 354 3.40 -11.34 12.83
CA GLU A 354 3.76 -12.54 12.10
C GLU A 354 2.59 -13.51 12.02
N THR A 355 2.54 -14.24 10.92
CA THR A 355 1.65 -15.36 10.71
C THR A 355 2.51 -16.54 10.27
N ASN A 356 1.95 -17.74 10.31
CA ASN A 356 2.68 -18.91 9.82
C ASN A 356 1.76 -19.86 9.05
N PRO A 357 1.05 -19.36 8.04
CA PRO A 357 0.17 -20.25 7.27
C PRO A 357 0.97 -21.35 6.56
N GLU A 358 0.34 -22.53 6.48
CA GLU A 358 1.01 -23.72 5.96
C GLU A 358 1.47 -23.51 4.52
N TYR A 359 0.65 -22.88 3.68
CA TYR A 359 0.96 -22.80 2.26
C TYR A 359 2.17 -21.90 1.98
N LEU A 360 2.58 -21.07 2.95
CA LEU A 360 3.76 -20.21 2.81
C LEU A 360 5.04 -20.83 3.38
N LYS A 361 4.96 -22.00 4.01
CA LYS A 361 6.13 -22.54 4.70
C LYS A 361 7.23 -22.90 3.72
N ASN A 362 8.48 -22.63 4.11
CA ASN A 362 9.64 -22.96 3.30
C ASN A 362 10.84 -23.10 4.23
N HIS A 363 11.93 -23.68 3.69
CA HIS A 363 13.08 -24.00 4.53
C HIS A 363 13.82 -22.74 4.98
N ALA A 364 13.90 -21.72 4.12
CA ALA A 364 14.60 -20.50 4.50
C ALA A 364 13.93 -19.80 5.68
N SER A 365 12.59 -19.76 5.68
CA SER A 365 11.87 -19.15 6.80
C SER A 365 12.05 -19.97 8.08
N ASP A 366 11.96 -21.30 7.98
CA ASP A 366 12.18 -22.17 9.13
C ASP A 366 13.55 -21.97 9.75
N SER A 367 14.57 -21.67 8.94
CA SER A 367 15.92 -21.57 9.47
C SER A 367 16.11 -20.37 10.39
N GLY A 368 15.20 -19.39 10.36
CA GLY A 368 15.41 -18.17 11.10
C GLY A 368 16.40 -17.21 10.49
N GLU A 369 17.01 -17.55 9.36
CA GLU A 369 18.06 -16.72 8.81
C GLU A 369 17.55 -15.60 7.91
N VAL A 370 16.24 -15.49 7.67
CA VAL A 370 15.69 -14.42 6.85
C VAL A 370 14.51 -13.81 7.60
N THR A 371 14.20 -12.55 7.29
CA THR A 371 12.95 -11.96 7.77
C THR A 371 11.99 -11.87 6.59
N ASP A 372 10.88 -12.59 6.69
CA ASP A 372 9.83 -12.46 5.70
C ASP A 372 9.08 -11.15 5.95
N LEU A 373 9.03 -10.28 4.95
CA LEU A 373 8.58 -8.94 5.26
C LEU A 373 7.06 -8.83 5.39
N LYS A 374 6.32 -9.88 5.05
CA LYS A 374 4.93 -9.93 5.50
C LYS A 374 4.80 -9.83 7.01
N ASP A 375 5.83 -10.22 7.77
CA ASP A 375 5.76 -10.17 9.23
C ASP A 375 6.13 -8.79 9.78
N MET A 376 6.32 -7.79 8.91
CA MET A 376 6.66 -6.44 9.31
C MET A 376 5.63 -5.42 8.84
N GLN A 377 4.43 -5.86 8.46
CA GLN A 377 3.47 -4.98 7.82
C GLN A 377 2.07 -5.52 8.09
N VAL A 378 1.06 -4.79 7.62
CA VAL A 378 -0.32 -5.25 7.75
C VAL A 378 -0.60 -6.42 6.81
N GLY A 379 -0.26 -6.27 5.53
CA GLY A 379 -0.71 -7.19 4.51
C GLY A 379 0.23 -8.38 4.31
N VAL A 380 -0.16 -9.25 3.38
CA VAL A 380 0.65 -10.40 2.99
C VAL A 380 1.50 -10.04 1.79
N GLY A 381 0.84 -9.76 0.66
CA GLY A 381 1.56 -9.40 -0.55
C GLY A 381 2.21 -8.03 -0.46
N ARG A 382 3.13 -7.79 -1.39
CA ARG A 382 3.87 -6.53 -1.43
C ARG A 382 4.67 -6.43 -2.72
N ARG A 383 4.77 -5.21 -3.22
CA ARG A 383 5.51 -4.91 -4.42
C ARG A 383 7.01 -4.89 -4.13
N PHE A 384 7.80 -4.92 -5.21
CA PHE A 384 9.25 -4.77 -5.14
C PHE A 384 9.61 -3.27 -5.07
N ARG A 385 9.34 -2.66 -3.92
CA ARG A 385 9.60 -1.23 -3.77
C ARG A 385 11.06 -0.92 -3.49
N GLY A 386 11.85 -1.91 -3.08
CA GLY A 386 13.27 -1.66 -2.87
C GLY A 386 13.97 -1.23 -4.14
N LEU A 387 13.51 -1.71 -5.30
CA LEU A 387 14.21 -1.48 -6.56
C LEU A 387 14.33 0.02 -6.86
N LYS A 388 13.21 0.76 -6.83
CA LYS A 388 13.26 2.18 -7.17
C LYS A 388 14.13 2.95 -6.17
N LEU A 389 14.05 2.61 -4.88
CA LEU A 389 14.84 3.32 -3.89
C LEU A 389 16.34 3.02 -4.09
N TRP A 390 16.69 1.76 -4.33
CA TRP A 390 18.08 1.44 -4.64
C TRP A 390 18.56 2.14 -5.91
N MET A 391 17.71 2.22 -6.93
CA MET A 391 18.12 2.82 -8.20
C MET A 391 18.41 4.31 -8.05
N VAL A 392 17.61 5.02 -7.25
CA VAL A 392 17.89 6.42 -6.97
C VAL A 392 19.28 6.59 -6.37
N MET A 393 19.55 5.87 -5.26
CA MET A 393 20.84 5.99 -4.58
C MET A 393 22.00 5.53 -5.48
N ARG A 394 21.82 4.38 -6.15
CA ARG A 394 22.90 3.84 -7.00
C ARG A 394 23.22 4.76 -8.17
N THR A 395 22.20 5.33 -8.80
CA THR A 395 22.48 6.13 -10.00
C THR A 395 22.99 7.52 -9.64
N TYR A 396 22.36 8.20 -8.69
CA TYR A 396 22.74 9.58 -8.42
C TYR A 396 23.84 9.71 -7.37
N GLY A 397 23.85 8.86 -6.35
CA GLY A 397 24.88 8.93 -5.34
C GLY A 397 24.61 9.98 -4.28
N VAL A 398 25.34 9.86 -3.15
CA VAL A 398 25.02 10.63 -1.95
C VAL A 398 25.20 12.13 -2.19
N ALA A 399 26.30 12.51 -2.86
CA ALA A 399 26.60 13.93 -3.05
C ALA A 399 25.49 14.64 -3.83
N LYS A 400 24.94 14.00 -4.86
CA LYS A 400 23.84 14.62 -5.60
C LYS A 400 22.57 14.68 -4.78
N LEU A 401 22.25 13.62 -4.03
CA LEU A 401 21.12 13.69 -3.11
C LEU A 401 21.31 14.82 -2.10
N GLN A 402 22.52 14.96 -1.54
CA GLN A 402 22.76 16.07 -0.63
C GLN A 402 22.55 17.42 -1.32
N GLU A 403 23.11 17.60 -2.52
CA GLU A 403 22.95 18.88 -3.22
C GLU A 403 21.50 19.15 -3.58
N HIS A 404 20.71 18.09 -3.77
CA HIS A 404 19.30 18.29 -4.06
C HIS A 404 18.58 18.86 -2.84
N ILE A 405 18.89 18.37 -1.63
CA ILE A 405 18.34 18.96 -0.40
C ILE A 405 18.79 20.41 -0.25
N ARG A 406 20.09 20.65 -0.43
CA ARG A 406 20.65 21.97 -0.14
C ARG A 406 20.10 23.05 -1.09
N SER A 407 19.92 22.71 -2.36
CA SER A 407 19.48 23.70 -3.33
C SER A 407 17.99 23.99 -3.22
N ASP A 408 17.19 23.03 -2.74
CA ASP A 408 15.82 23.34 -2.35
C ASP A 408 15.79 24.29 -1.15
N VAL A 409 16.67 24.05 -0.17
CA VAL A 409 16.69 24.88 1.04
C VAL A 409 17.11 26.30 0.69
N ALA A 410 18.09 26.43 -0.21
CA ALA A 410 18.53 27.76 -0.65
C ALA A 410 17.43 28.49 -1.45
N MET A 411 16.61 27.77 -2.22
CA MET A 411 15.50 28.44 -2.90
C MET A 411 14.48 28.95 -1.89
N ALA A 412 14.18 28.14 -0.86
CA ALA A 412 13.29 28.58 0.21
C ALA A 412 13.87 29.76 0.96
N LYS A 413 15.19 29.76 1.17
CA LYS A 413 15.85 30.90 1.82
C LYS A 413 15.70 32.16 0.99
N VAL A 414 15.84 32.05 -0.33
CA VAL A 414 15.62 33.19 -1.22
C VAL A 414 14.22 33.73 -1.03
N PHE A 415 13.22 32.85 -1.07
CA PHE A 415 11.83 33.29 -0.92
C PHE A 415 11.59 33.88 0.47
N GLU A 416 12.21 33.30 1.50
CA GLU A 416 12.01 33.80 2.85
C GLU A 416 12.57 35.21 3.01
N ASP A 417 13.74 35.47 2.42
CA ASP A 417 14.33 36.80 2.53
C ASP A 417 13.58 37.81 1.68
N LEU A 418 12.96 37.37 0.59
CA LEU A 418 12.11 38.27 -0.18
C LEU A 418 10.88 38.69 0.62
N VAL A 419 10.26 37.74 1.34
CA VAL A 419 9.13 38.08 2.21
C VAL A 419 9.57 39.07 3.28
N ARG A 420 10.76 38.87 3.85
CA ARG A 420 11.20 39.67 5.00
C ARG A 420 11.45 41.12 4.61
N GLY A 421 11.79 41.38 3.35
CA GLY A 421 12.05 42.71 2.84
C GLY A 421 10.84 43.51 2.42
N ASP A 422 9.63 42.99 2.62
CA ASP A 422 8.38 43.68 2.27
C ASP A 422 7.58 43.84 3.54
N ASP A 423 7.42 45.10 3.98
CA ASP A 423 6.82 45.40 5.28
C ASP A 423 5.37 44.95 5.39
N ARG A 424 4.72 44.64 4.27
CA ARG A 424 3.32 44.20 4.31
C ARG A 424 3.17 42.75 4.76
N PHE A 425 4.26 41.99 4.84
CA PHE A 425 4.21 40.57 5.14
C PHE A 425 5.04 40.24 6.38
N GLU A 426 4.75 39.10 6.97
CA GLU A 426 5.58 38.53 8.01
C GLU A 426 5.83 37.05 7.75
N VAL A 427 7.06 36.61 8.02
CA VAL A 427 7.34 35.19 8.19
C VAL A 427 6.89 34.80 9.60
N VAL A 428 6.02 33.79 9.68
CA VAL A 428 5.30 33.53 10.92
C VAL A 428 6.11 32.68 11.89
N VAL A 429 6.94 31.76 11.39
CA VAL A 429 7.81 30.95 12.24
C VAL A 429 9.19 30.90 11.60
N PRO A 430 10.21 30.54 12.37
CA PRO A 430 11.53 30.32 11.75
C PRO A 430 11.46 29.17 10.76
N ARG A 431 12.26 29.27 9.69
CA ARG A 431 12.28 28.30 8.60
C ARG A 431 13.40 27.29 8.85
N ASN A 432 13.02 26.02 9.05
CA ASN A 432 14.01 24.97 9.28
C ASN A 432 14.43 24.23 8.03
N PHE A 433 13.55 24.12 7.04
CA PHE A 433 13.86 23.33 5.86
C PHE A 433 13.49 24.11 4.61
N ALA A 434 12.56 23.61 3.80
CA ALA A 434 12.23 24.29 2.55
C ALA A 434 10.77 24.70 2.49
N LEU A 435 10.14 24.85 3.66
CA LEU A 435 8.79 25.38 3.75
C LEU A 435 8.86 26.71 4.48
N VAL A 436 8.31 27.75 3.86
CA VAL A 436 8.17 29.07 4.48
C VAL A 436 6.71 29.29 4.80
N CYS A 437 6.42 29.74 6.01
CA CYS A 437 5.08 30.20 6.39
C CYS A 437 5.09 31.71 6.48
N PHE A 438 4.14 32.35 5.80
CA PHE A 438 4.10 33.80 5.71
C PHE A 438 2.67 34.25 5.58
N ARG A 439 2.48 35.56 5.73
CA ARG A 439 1.18 36.12 5.99
C ARG A 439 1.18 37.59 5.59
N ILE A 440 0.06 38.05 5.02
CA ILE A 440 -0.20 39.49 4.97
C ILE A 440 -0.34 39.98 6.40
N ARG A 441 0.56 40.87 6.80
CA ARG A 441 0.61 41.37 8.17
C ARG A 441 -0.64 42.20 8.49
N ALA A 442 -1.02 42.20 9.78
CA ALA A 442 -2.06 43.10 10.24
C ALA A 442 -1.50 44.52 10.35
N GLY A 443 -2.22 45.48 9.77
CA GLY A 443 -1.68 46.82 9.67
C GLY A 443 -0.82 47.05 8.45
N ALA A 444 -0.97 46.21 7.43
CA ALA A 444 -0.22 46.36 6.19
C ALA A 444 -0.91 47.28 5.20
N GLY A 445 -2.22 47.44 5.30
CA GLY A 445 -2.93 48.32 4.41
C GLY A 445 -4.33 48.58 4.93
N ALA A 446 -5.20 49.01 4.02
CA ALA A 446 -6.58 49.28 4.40
C ALA A 446 -7.39 48.00 4.56
N ALA A 447 -7.24 47.07 3.62
CA ALA A 447 -7.94 45.79 3.68
C ALA A 447 -7.42 44.86 4.77
N ALA A 448 -6.38 45.27 5.54
CA ALA A 448 -5.83 44.49 6.65
C ALA A 448 -5.42 45.43 7.80
N ALA A 449 -6.42 46.09 8.40
CA ALA A 449 -6.17 46.89 9.59
C ALA A 449 -6.12 46.02 10.85
N THR A 450 -7.18 45.26 11.10
CA THR A 450 -7.24 44.33 12.21
C THR A 450 -6.76 42.94 11.81
N GLU A 451 -6.60 42.08 12.82
CA GLU A 451 -6.15 40.71 12.54
C GLU A 451 -7.27 39.88 11.91
N GLU A 452 -8.53 40.15 12.26
CA GLU A 452 -9.64 39.50 11.55
C GLU A 452 -9.65 39.91 10.08
N ASP A 453 -9.23 41.14 9.78
CA ASP A 453 -9.15 41.58 8.40
C ASP A 453 -7.97 40.92 7.67
N ALA A 454 -6.85 40.77 8.37
CA ALA A 454 -5.71 40.07 7.79
C ALA A 454 -6.08 38.63 7.44
N ASP A 455 -6.80 37.95 8.32
CA ASP A 455 -7.23 36.60 8.02
C ASP A 455 -8.01 36.52 6.72
N GLU A 456 -8.85 37.53 6.44
CA GLU A 456 -9.61 37.47 5.20
C GLU A 456 -8.81 37.99 4.00
N ALA A 457 -7.84 38.89 4.23
CA ALA A 457 -6.98 39.32 3.13
C ALA A 457 -6.09 38.18 2.65
N ASN A 458 -5.64 37.34 3.59
CA ASN A 458 -4.81 36.19 3.24
C ASN A 458 -5.62 35.13 2.50
N ARG A 459 -6.88 34.90 2.93
CA ARG A 459 -7.71 33.94 2.21
C ARG A 459 -7.99 34.40 0.79
N GLU A 460 -8.13 35.71 0.59
CA GLU A 460 -8.38 36.20 -0.76
C GLU A 460 -7.12 36.22 -1.59
N LEU A 461 -5.98 36.58 -1.00
CA LEU A 461 -4.72 36.46 -1.71
C LEU A 461 -4.50 35.02 -2.18
N MET A 462 -4.78 34.06 -1.31
CA MET A 462 -4.61 32.65 -1.67
C MET A 462 -5.53 32.26 -2.81
N GLU A 463 -6.82 32.61 -2.72
CA GLU A 463 -7.76 32.17 -3.73
C GLU A 463 -7.50 32.87 -5.06
N ARG A 464 -6.98 34.09 -5.02
CA ARG A 464 -6.64 34.78 -6.27
C ARG A 464 -5.38 34.22 -6.90
N LEU A 465 -4.36 33.90 -6.10
CA LEU A 465 -3.18 33.23 -6.63
C LEU A 465 -3.56 31.95 -7.35
N ASN A 466 -4.47 31.17 -6.76
CA ASN A 466 -4.84 29.90 -7.35
C ASN A 466 -5.62 30.06 -8.65
N LYS A 467 -6.44 31.12 -8.75
CA LYS A 467 -7.26 31.32 -9.93
C LYS A 467 -6.42 31.63 -11.16
N THR A 468 -5.23 32.20 -10.98
CA THR A 468 -4.37 32.52 -12.13
C THR A 468 -3.81 31.28 -12.82
N GLY A 469 -3.80 30.12 -12.16
CA GLY A 469 -3.18 28.95 -12.73
C GLY A 469 -1.67 28.98 -12.80
N LYS A 470 -1.01 30.03 -12.29
CA LYS A 470 0.44 30.09 -12.21
C LYS A 470 0.94 29.85 -10.80
N ALA A 471 0.07 29.36 -9.92
CA ALA A 471 0.44 29.00 -8.56
C ALA A 471 -0.61 28.05 -8.02
N TYR A 472 -0.20 27.23 -7.05
CA TYR A 472 -1.10 26.56 -6.14
C TYR A 472 -0.57 26.75 -4.74
N VAL A 473 -1.33 27.46 -3.91
CA VAL A 473 -0.99 27.75 -2.53
C VAL A 473 -2.14 27.32 -1.66
N ALA A 474 -1.82 26.73 -0.51
CA ALA A 474 -2.83 26.31 0.45
C ALA A 474 -2.38 26.77 1.84
N HIS A 475 -3.32 26.83 2.76
CA HIS A 475 -3.10 27.59 3.97
C HIS A 475 -2.99 26.68 5.19
N THR A 476 -2.65 27.29 6.31
CA THR A 476 -2.65 26.61 7.59
C THR A 476 -3.00 27.63 8.65
N VAL A 477 -3.15 27.16 9.88
CA VAL A 477 -3.43 28.00 11.05
C VAL A 477 -2.29 27.86 12.04
N VAL A 478 -1.55 28.94 12.26
CA VAL A 478 -0.47 28.98 13.23
C VAL A 478 -0.86 29.95 14.34
N GLY A 479 -1.06 29.43 15.55
CA GLY A 479 -1.45 30.24 16.69
C GLY A 479 -2.67 31.09 16.42
N GLY A 480 -3.75 30.47 15.97
CA GLY A 480 -5.00 31.16 15.73
C GLY A 480 -5.03 32.06 14.51
N ARG A 481 -3.98 32.09 13.70
CA ARG A 481 -3.89 32.99 12.54
C ARG A 481 -3.88 32.22 11.23
N PHE A 482 -4.59 32.76 10.24
CA PHE A 482 -4.57 32.23 8.86
C PHE A 482 -3.20 32.46 8.24
N VAL A 483 -2.53 31.39 7.83
CA VAL A 483 -1.16 31.47 7.34
C VAL A 483 -1.05 30.77 5.98
N LEU A 484 -0.31 31.37 5.06
CA LEU A 484 -0.03 30.73 3.79
C LEU A 484 1.27 29.92 3.93
N ARG A 485 1.25 28.69 3.43
CA ARG A 485 2.46 27.90 3.32
C ARG A 485 3.07 28.09 1.94
N PHE A 486 4.39 28.08 1.86
CA PHE A 486 5.10 28.10 0.59
C PHE A 486 6.13 26.98 0.64
N ALA A 487 5.77 25.82 0.08
CA ALA A 487 6.58 24.61 0.14
C ALA A 487 7.37 24.49 -1.15
N VAL A 488 8.65 24.80 -1.08
CA VAL A 488 9.54 24.77 -2.23
C VAL A 488 10.00 23.34 -2.49
N GLY A 489 10.16 22.97 -3.76
CA GLY A 489 10.91 21.76 -4.04
C GLY A 489 10.37 20.84 -5.11
N SER A 490 9.25 21.19 -5.73
CA SER A 490 8.78 20.42 -6.87
C SER A 490 9.93 20.18 -7.84
N SER A 491 10.02 18.96 -8.36
CA SER A 491 11.25 18.52 -9.02
C SER A 491 11.59 19.36 -10.26
N LEU A 492 10.57 19.78 -11.03
CA LEU A 492 10.82 20.62 -12.20
C LEU A 492 11.08 22.08 -11.85
N GLN A 493 10.95 22.45 -10.58
CA GLN A 493 10.95 23.84 -10.16
C GLN A 493 12.37 24.37 -10.02
N GLU A 494 12.62 25.55 -10.60
CA GLU A 494 13.90 26.24 -10.53
C GLU A 494 13.73 27.55 -9.76
N GLU A 495 14.86 28.21 -9.52
CA GLU A 495 14.85 29.42 -8.70
C GLU A 495 14.01 30.53 -9.32
N HIS A 496 13.97 30.61 -10.66
CA HIS A 496 13.18 31.68 -11.27
C HIS A 496 11.69 31.44 -11.10
N HIS A 497 11.26 30.18 -10.98
CA HIS A 497 9.85 29.91 -10.65
C HIS A 497 9.50 30.47 -9.28
N VAL A 498 10.43 30.41 -8.33
CA VAL A 498 10.16 30.91 -6.98
C VAL A 498 10.18 32.44 -6.97
N ARG A 499 11.14 33.06 -7.65
CA ARG A 499 11.15 34.52 -7.75
C ARG A 499 9.91 35.04 -8.47
N SER A 500 9.52 34.39 -9.58
CA SER A 500 8.30 34.80 -10.27
C SER A 500 7.07 34.64 -9.39
N ALA A 501 7.04 33.59 -8.56
CA ALA A 501 5.92 33.41 -7.64
C ALA A 501 5.85 34.56 -6.64
N TRP A 502 7.01 35.04 -6.18
CA TRP A 502 7.00 36.17 -5.24
C TRP A 502 6.48 37.42 -5.92
N GLU A 503 6.96 37.69 -7.14
CA GLU A 503 6.45 38.83 -7.91
C GLU A 503 4.94 38.75 -8.08
N LEU A 504 4.43 37.55 -8.35
CA LEU A 504 2.98 37.37 -8.45
C LEU A 504 2.29 37.63 -7.11
N ILE A 505 2.96 37.33 -5.98
CA ILE A 505 2.35 37.58 -4.68
C ILE A 505 2.26 39.08 -4.40
N LYS A 506 3.36 39.80 -4.63
CA LYS A 506 3.36 41.25 -4.46
C LYS A 506 2.31 41.91 -5.35
N LYS A 507 2.31 41.56 -6.64
CA LYS A 507 1.36 42.14 -7.58
C LYS A 507 -0.07 41.98 -7.12
N THR A 508 -0.48 40.73 -6.82
CA THR A 508 -1.85 40.49 -6.37
C THR A 508 -2.14 41.20 -5.06
N THR A 509 -1.14 41.35 -4.19
CA THR A 509 -1.37 42.03 -2.93
C THR A 509 -1.66 43.51 -3.15
N THR A 510 -0.90 44.17 -4.04
CA THR A 510 -1.11 45.59 -4.29
C THR A 510 -2.48 45.84 -4.90
N GLU A 511 -2.90 45.01 -5.85
CA GLU A 511 -4.23 45.17 -6.44
C GLU A 511 -5.31 45.01 -5.38
N MET A 512 -5.08 44.12 -4.41
CA MET A 512 -6.07 43.91 -3.35
C MET A 512 -6.22 45.14 -2.46
N MET A 513 -5.14 45.88 -2.25
CA MET A 513 -5.17 46.97 -1.27
C MET A 513 -6.03 48.14 -1.75
N ASN A 514 -6.02 48.42 -3.05
CA ASN A 514 -6.85 49.49 -3.58
C ASN A 514 -7.81 48.98 -4.64
N THR B 21 22.15 23.12 -10.76
CA THR B 21 21.92 22.77 -12.17
C THR B 21 21.59 21.29 -12.37
N PHE B 22 21.44 20.51 -11.28
CA PHE B 22 21.06 19.11 -11.41
C PHE B 22 19.53 18.99 -11.50
N GLN B 23 19.06 18.44 -12.61
CA GLN B 23 17.62 18.32 -12.90
C GLN B 23 17.28 16.84 -12.98
N PRO B 24 16.63 16.27 -11.97
CA PRO B 24 16.39 14.81 -11.99
C PRO B 24 15.35 14.39 -13.01
N LEU B 25 14.49 15.30 -13.49
CA LEU B 25 13.52 14.97 -14.54
C LEU B 25 13.85 15.64 -15.88
N ASN B 26 15.11 15.88 -16.18
CA ASN B 26 15.44 16.48 -17.47
C ASN B 26 15.03 15.57 -18.62
N ALA B 27 14.74 16.19 -19.76
CA ALA B 27 14.10 15.50 -20.87
C ALA B 27 14.95 14.34 -21.37
N ASP B 28 16.27 14.53 -21.46
CA ASP B 28 17.13 13.49 -22.03
C ASP B 28 17.16 12.26 -21.14
N ASP B 29 17.37 12.46 -19.82
CA ASP B 29 17.43 11.32 -18.90
C ASP B 29 16.11 10.58 -18.85
N VAL B 30 15.00 11.33 -18.82
CA VAL B 30 13.68 10.70 -18.73
C VAL B 30 13.48 9.76 -19.91
N ARG B 31 13.77 10.24 -21.12
CA ARG B 31 13.61 9.43 -22.34
C ARG B 31 14.60 8.28 -22.38
N SER B 32 15.87 8.51 -22.06
CA SER B 32 16.83 7.43 -22.22
C SER B 32 16.74 6.39 -21.09
N TYR B 33 16.49 6.81 -19.84
CA TYR B 33 16.33 5.84 -18.75
C TYR B 33 15.09 4.97 -18.98
N LEU B 34 13.98 5.59 -19.35
CA LEU B 34 12.76 4.82 -19.57
C LEU B 34 12.87 3.93 -20.81
N HIS B 35 13.58 4.37 -21.84
CA HIS B 35 13.79 3.50 -23.00
C HIS B 35 14.64 2.28 -22.64
N LYS B 36 15.63 2.46 -21.76
CA LYS B 36 16.41 1.32 -21.30
C LYS B 36 15.56 0.36 -20.45
N ALA B 37 14.72 0.89 -19.57
CA ALA B 37 13.80 0.05 -18.80
C ALA B 37 12.87 -0.73 -19.72
N VAL B 38 12.28 -0.05 -20.71
CA VAL B 38 11.41 -0.74 -21.66
C VAL B 38 12.17 -1.84 -22.41
N ASP B 39 13.39 -1.55 -22.86
CA ASP B 39 14.20 -2.58 -23.51
C ASP B 39 14.39 -3.79 -22.61
N PHE B 40 14.74 -3.54 -21.34
CA PHE B 40 14.90 -4.62 -20.37
C PHE B 40 13.61 -5.41 -20.20
N ILE B 41 12.47 -4.74 -20.14
CA ILE B 41 11.21 -5.44 -19.94
C ILE B 41 10.88 -6.34 -21.14
N SER B 42 11.01 -5.78 -22.35
CA SER B 42 10.83 -6.60 -23.56
C SER B 42 11.68 -7.85 -23.53
N ASP B 43 12.99 -7.69 -23.30
CA ASP B 43 13.88 -8.85 -23.24
C ASP B 43 13.50 -9.78 -22.12
N TYR B 44 13.08 -9.23 -20.99
CA TYR B 44 12.78 -10.08 -19.86
C TYR B 44 11.62 -11.02 -20.19
N TYR B 45 10.53 -10.47 -20.73
CA TYR B 45 9.41 -11.34 -21.11
C TYR B 45 9.81 -12.33 -22.18
N LYS B 46 10.64 -11.90 -23.13
CA LYS B 46 11.02 -12.82 -24.21
C LYS B 46 11.84 -13.99 -23.67
N SER B 47 12.60 -13.79 -22.60
CA SER B 47 13.54 -14.81 -22.17
C SER B 47 13.22 -15.44 -20.82
N VAL B 48 12.18 -14.96 -20.11
CA VAL B 48 11.95 -15.41 -18.73
C VAL B 48 11.71 -16.92 -18.65
N GLU B 49 11.09 -17.52 -19.68
CA GLU B 49 10.88 -18.96 -19.68
C GLU B 49 12.18 -19.75 -19.72
N SER B 50 13.26 -19.18 -20.25
CA SER B 50 14.53 -19.88 -20.29
C SER B 50 15.25 -19.86 -18.95
N MET B 51 14.75 -19.07 -17.93
CA MET B 51 15.38 -19.03 -16.63
C MET B 51 14.77 -20.07 -15.69
N PRO B 52 15.53 -20.58 -14.73
CA PRO B 52 14.90 -21.31 -13.61
C PRO B 52 13.90 -20.41 -12.89
N VAL B 53 12.71 -20.95 -12.62
CA VAL B 53 11.67 -20.14 -11.98
C VAL B 53 12.10 -19.76 -10.58
N LEU B 54 12.52 -20.76 -9.78
CA LEU B 54 13.05 -20.61 -8.43
C LEU B 54 14.55 -20.43 -8.51
N PRO B 55 15.11 -19.39 -7.91
CA PRO B 55 16.54 -19.13 -8.06
C PRO B 55 17.36 -20.03 -7.14
N ASN B 56 18.62 -20.22 -7.53
CA ASN B 56 19.53 -21.08 -6.78
C ASN B 56 20.48 -20.23 -5.94
N VAL B 57 19.92 -19.43 -5.05
CA VAL B 57 20.71 -18.57 -4.19
C VAL B 57 20.38 -18.92 -2.75
N LYS B 58 21.33 -18.66 -1.87
CA LYS B 58 21.17 -18.78 -0.43
C LYS B 58 20.93 -17.41 0.20
N PRO B 59 20.34 -17.37 1.39
CA PRO B 59 20.14 -16.07 2.07
C PRO B 59 21.45 -15.33 2.28
N GLY B 60 21.42 -14.04 2.00
CA GLY B 60 22.59 -13.23 2.07
C GLY B 60 23.39 -13.10 0.78
N TYR B 61 22.97 -13.75 -0.31
CA TYR B 61 23.80 -13.73 -1.52
C TYR B 61 24.03 -12.31 -2.02
N LEU B 62 23.06 -11.40 -1.85
CA LEU B 62 23.12 -10.11 -2.55
C LEU B 62 24.23 -9.23 -1.99
N GLN B 63 24.37 -9.20 -0.66
CA GLN B 63 25.37 -8.33 -0.05
C GLN B 63 26.79 -8.77 -0.35
N ASP B 64 26.99 -9.99 -0.85
CA ASP B 64 28.28 -10.40 -1.39
C ASP B 64 28.47 -9.99 -2.85
N GLU B 65 27.43 -9.51 -3.54
CA GLU B 65 27.54 -9.04 -4.92
C GLU B 65 27.67 -7.53 -5.04
N LEU B 66 26.88 -6.79 -4.28
CA LEU B 66 26.79 -5.34 -4.41
C LEU B 66 27.60 -4.67 -3.30
N ARG B 67 27.93 -3.39 -3.53
CA ARG B 67 28.73 -2.65 -2.55
C ARG B 67 27.96 -2.49 -1.23
N ALA B 68 28.71 -2.40 -0.13
CA ALA B 68 28.12 -2.37 1.20
C ALA B 68 27.53 -1.01 1.56
N SER B 69 27.96 0.07 0.94
CA SER B 69 27.52 1.41 1.28
C SER B 69 27.12 2.17 0.01
N PRO B 70 26.27 3.19 0.13
CA PRO B 70 25.82 3.91 -1.06
C PRO B 70 26.99 4.64 -1.70
N PRO B 71 27.01 4.76 -3.03
CA PRO B 71 28.14 5.43 -3.68
C PRO B 71 28.11 6.94 -3.45
N THR B 72 29.30 7.52 -3.31
CA THR B 72 29.38 8.98 -3.18
C THR B 72 28.99 9.67 -4.48
N TYR B 73 29.55 9.22 -5.60
CA TYR B 73 29.37 9.87 -6.89
C TYR B 73 28.28 9.19 -7.70
N SER B 74 27.87 9.85 -8.78
CA SER B 74 26.85 9.29 -9.63
C SER B 74 27.47 8.29 -10.60
N ALA B 75 26.62 7.47 -11.17
CA ALA B 75 27.02 6.49 -12.17
C ALA B 75 26.08 6.62 -13.36
N PRO B 76 26.50 6.20 -14.54
CA PRO B 76 25.57 6.18 -15.68
C PRO B 76 24.49 5.15 -15.45
N PHE B 77 23.28 5.44 -15.96
CA PHE B 77 22.17 4.51 -15.75
C PHE B 77 22.52 3.12 -16.26
N ASP B 78 23.40 3.03 -17.27
CA ASP B 78 23.84 1.73 -17.77
C ASP B 78 24.49 0.90 -16.68
N VAL B 79 25.25 1.52 -15.78
CA VAL B 79 25.85 0.76 -14.69
C VAL B 79 24.77 0.17 -13.81
N THR B 80 23.76 0.98 -13.44
CA THR B 80 22.65 0.51 -12.62
C THR B 80 21.92 -0.64 -13.30
N MET B 81 21.62 -0.52 -14.59
CA MET B 81 20.93 -1.60 -15.30
C MET B 81 21.79 -2.86 -15.36
N LYS B 82 23.11 -2.72 -15.54
CA LYS B 82 23.97 -3.91 -15.57
C LYS B 82 23.97 -4.63 -14.23
N GLU B 83 23.90 -3.89 -13.12
CA GLU B 83 23.82 -4.59 -11.84
C GLU B 83 22.46 -5.21 -11.65
N LEU B 84 21.41 -4.60 -12.20
CA LEU B 84 20.11 -5.26 -12.16
C LEU B 84 20.17 -6.60 -12.90
N ARG B 85 20.79 -6.63 -14.08
CA ARG B 85 20.88 -7.85 -14.87
C ARG B 85 21.83 -8.86 -14.23
N SER B 86 22.92 -8.40 -13.63
CA SER B 86 23.93 -9.34 -13.15
C SER B 86 23.64 -9.86 -11.75
N SER B 87 22.98 -9.07 -10.88
CA SER B 87 22.86 -9.42 -9.46
C SER B 87 21.42 -9.51 -8.95
N VAL B 88 20.48 -8.75 -9.51
CA VAL B 88 19.09 -8.80 -9.07
C VAL B 88 18.34 -9.95 -9.76
N VAL B 89 18.26 -9.91 -11.10
CA VAL B 89 17.47 -10.86 -11.86
C VAL B 89 17.81 -12.30 -11.50
N PRO B 90 19.10 -12.69 -11.40
CA PRO B 90 19.40 -14.10 -11.05
C PRO B 90 18.93 -14.50 -9.66
N GLY B 91 18.62 -13.56 -8.77
CA GLY B 91 18.15 -13.95 -7.46
C GLY B 91 16.64 -13.81 -7.30
N MET B 92 15.93 -13.67 -8.40
CA MET B 92 14.48 -13.48 -8.35
C MET B 92 13.75 -14.80 -8.55
N THR B 93 12.57 -14.90 -7.93
CA THR B 93 11.59 -15.91 -8.27
C THR B 93 10.70 -15.32 -9.35
N HIS B 94 10.63 -15.99 -10.50
CA HIS B 94 10.03 -15.37 -11.69
C HIS B 94 8.53 -15.65 -11.71
N TRP B 95 7.80 -14.80 -10.97
CA TRP B 95 6.34 -14.80 -11.01
C TRP B 95 5.81 -14.71 -12.44
N ALA B 96 6.53 -14.02 -13.32
CA ALA B 96 6.11 -13.83 -14.71
C ALA B 96 6.36 -15.06 -15.57
N SER B 97 7.05 -16.07 -15.06
CA SER B 97 7.36 -17.23 -15.86
C SER B 97 6.09 -17.98 -16.23
N PRO B 98 5.98 -18.49 -17.46
CA PRO B 98 4.86 -19.37 -17.80
C PRO B 98 4.88 -20.66 -17.00
N ASN B 99 6.00 -21.00 -16.37
CA ASN B 99 6.13 -22.19 -15.54
C ASN B 99 6.00 -21.91 -14.04
N PHE B 100 5.55 -20.71 -13.68
CA PHE B 100 5.18 -20.40 -12.30
C PHE B 100 3.76 -20.91 -12.03
N PHE B 101 3.63 -21.90 -11.15
CA PHE B 101 2.34 -22.51 -10.83
C PHE B 101 1.96 -22.37 -9.36
N ALA B 102 2.47 -21.37 -8.66
CA ALA B 102 2.35 -21.33 -7.21
C ALA B 102 1.39 -20.24 -6.74
N PHE B 103 0.89 -20.42 -5.51
CA PHE B 103 0.11 -19.38 -4.82
C PHE B 103 -1.07 -19.02 -5.72
N PHE B 104 -1.30 -17.74 -6.02
CA PHE B 104 -2.11 -17.33 -7.13
C PHE B 104 -1.24 -16.47 -8.04
N PRO B 105 -1.33 -16.65 -9.36
CA PRO B 105 -0.48 -15.88 -10.26
C PRO B 105 -0.86 -14.40 -10.23
N SER B 106 0.17 -13.55 -10.37
CA SER B 106 -0.05 -12.11 -10.43
C SER B 106 -0.18 -11.72 -11.89
N THR B 107 -1.38 -11.93 -12.43
CA THR B 107 -1.61 -11.67 -13.85
C THR B 107 -1.42 -10.18 -14.13
N ASN B 108 -1.09 -9.87 -15.38
CA ASN B 108 -0.57 -8.56 -15.73
C ASN B 108 -0.88 -8.31 -17.21
N SER B 109 -0.65 -7.07 -17.63
CA SER B 109 -0.94 -6.69 -19.00
C SER B 109 -0.18 -5.43 -19.34
N ALA B 110 0.00 -5.23 -20.66
CA ALA B 110 0.71 -4.07 -21.16
C ALA B 110 0.01 -2.77 -20.78
N ALA B 111 -1.33 -2.77 -20.82
CA ALA B 111 -2.07 -1.55 -20.46
C ALA B 111 -1.91 -1.22 -18.98
N ALA B 112 -1.91 -2.23 -18.11
CA ALA B 112 -1.73 -1.99 -16.67
C ALA B 112 -0.36 -1.41 -16.39
N ILE B 113 0.68 -2.01 -16.95
CA ILE B 113 2.03 -1.48 -16.76
C ILE B 113 2.11 -0.04 -17.27
N ALA B 114 1.59 0.21 -18.47
CA ALA B 114 1.61 1.56 -19.01
C ALA B 114 0.90 2.53 -18.07
N GLY B 115 -0.27 2.15 -17.56
CA GLY B 115 -1.00 3.03 -16.65
C GLY B 115 -0.28 3.29 -15.33
N ASP B 116 0.41 2.27 -14.79
CA ASP B 116 1.18 2.52 -13.57
C ASP B 116 2.43 3.36 -13.85
N LEU B 117 3.03 3.23 -15.04
CA LEU B 117 4.14 4.08 -15.41
C LEU B 117 3.71 5.54 -15.52
N ILE B 118 2.55 5.80 -16.13
CA ILE B 118 2.07 7.18 -16.26
C ILE B 118 1.70 7.75 -14.89
N ALA B 119 1.06 6.94 -14.04
CA ALA B 119 0.76 7.40 -12.68
C ALA B 119 2.04 7.74 -11.92
N SER B 120 3.09 6.93 -12.06
CA SER B 120 4.34 7.21 -11.36
C SER B 120 4.94 8.53 -11.79
N ALA B 121 4.78 8.89 -13.08
CA ALA B 121 5.41 10.08 -13.62
C ALA B 121 4.62 11.32 -13.26
N MET B 122 3.29 11.24 -13.29
CA MET B 122 2.49 12.36 -12.82
C MET B 122 2.63 12.53 -11.32
N ASN B 123 2.66 11.41 -10.58
CA ASN B 123 3.03 11.39 -9.15
C ASN B 123 2.17 12.33 -8.29
N THR B 124 0.85 12.20 -8.42
CA THR B 124 -0.08 12.98 -7.62
C THR B 124 -0.48 12.23 -6.35
N VAL B 125 -0.92 12.99 -5.35
CA VAL B 125 -1.40 12.45 -4.07
C VAL B 125 -2.86 12.85 -3.95
N GLY B 126 -3.76 11.86 -3.95
CA GLY B 126 -5.18 12.16 -3.98
C GLY B 126 -5.89 12.09 -2.64
N PHE B 127 -5.37 12.78 -1.61
CA PHE B 127 -5.98 12.71 -0.29
C PHE B 127 -7.24 13.56 -0.16
N THR B 128 -7.52 14.46 -1.11
CA THR B 128 -8.84 15.06 -1.26
C THR B 128 -9.15 15.11 -2.75
N TRP B 129 -10.44 15.26 -3.07
CA TRP B 129 -10.84 15.49 -4.46
C TRP B 129 -10.09 16.68 -5.05
N GLN B 130 -9.99 17.77 -4.30
CA GLN B 130 -9.30 18.97 -4.79
C GLN B 130 -7.82 18.72 -5.04
N ALA B 131 -7.19 17.83 -4.24
CA ALA B 131 -5.77 17.55 -4.44
C ALA B 131 -5.47 16.86 -5.76
N SER B 132 -6.51 16.37 -6.53
CA SER B 132 -6.50 16.00 -7.96
C SER B 132 -7.85 15.40 -8.41
N PRO B 133 -8.75 16.22 -8.95
CA PRO B 133 -10.12 15.71 -9.23
C PRO B 133 -10.14 14.50 -10.15
N ALA B 134 -9.31 14.51 -11.20
CA ALA B 134 -9.32 13.40 -12.13
C ALA B 134 -8.94 12.08 -11.46
N ALA B 135 -7.99 12.10 -10.53
CA ALA B 135 -7.57 10.87 -9.88
C ALA B 135 -8.68 10.30 -9.01
N THR B 136 -9.36 11.15 -8.24
CA THR B 136 -10.47 10.69 -7.40
C THR B 136 -11.63 10.19 -8.27
N GLU B 137 -11.99 10.94 -9.30
CA GLU B 137 -13.09 10.51 -10.15
C GLU B 137 -12.74 9.26 -10.94
N MET B 138 -11.49 9.13 -11.38
CA MET B 138 -11.11 7.91 -12.11
C MET B 138 -11.18 6.66 -11.23
N GLU B 139 -10.81 6.79 -9.95
CA GLU B 139 -10.91 5.66 -9.04
C GLU B 139 -12.36 5.30 -8.75
N VAL B 140 -13.23 6.31 -8.57
CA VAL B 140 -14.66 6.04 -8.45
C VAL B 140 -15.19 5.41 -9.74
N LEU B 141 -14.76 5.94 -10.89
CA LEU B 141 -15.22 5.39 -12.16
C LEU B 141 -14.77 3.95 -12.32
N ALA B 142 -13.48 3.68 -12.05
CA ALA B 142 -12.98 2.32 -12.19
C ALA B 142 -13.76 1.36 -11.30
N LEU B 143 -14.03 1.76 -10.04
CA LEU B 143 -14.80 0.93 -9.11
C LEU B 143 -16.23 0.72 -9.60
N ASP B 144 -16.91 1.78 -10.05
CA ASP B 144 -18.27 1.61 -10.55
C ASP B 144 -18.33 0.72 -11.79
N TRP B 145 -17.30 0.80 -12.64
CA TRP B 145 -17.25 -0.05 -13.84
C TRP B 145 -17.10 -1.51 -13.45
N LEU B 146 -16.12 -1.80 -12.58
CA LEU B 146 -15.91 -3.17 -12.14
C LEU B 146 -17.14 -3.70 -11.41
N ALA B 147 -17.82 -2.85 -10.64
CA ALA B 147 -19.05 -3.29 -9.96
C ALA B 147 -20.11 -3.74 -10.96
N GLN B 148 -20.25 -3.01 -12.08
CA GLN B 148 -21.18 -3.44 -13.12
C GLN B 148 -20.78 -4.80 -13.69
N MET B 149 -19.49 -4.96 -14.00
CA MET B 149 -18.97 -6.24 -14.47
C MET B 149 -19.30 -7.38 -13.52
N LEU B 150 -19.19 -7.14 -12.21
CA LEU B 150 -19.53 -8.13 -11.18
C LEU B 150 -21.01 -8.23 -10.92
N ASN B 151 -21.81 -7.37 -11.57
CA ASN B 151 -23.24 -7.27 -11.33
C ASN B 151 -23.54 -7.11 -9.84
N LEU B 152 -22.82 -6.19 -9.22
CA LEU B 152 -23.15 -5.81 -7.86
C LEU B 152 -24.42 -4.96 -7.87
N PRO B 153 -25.24 -5.05 -6.83
CA PRO B 153 -26.41 -4.18 -6.73
C PRO B 153 -26.02 -2.72 -6.62
N THR B 154 -26.98 -1.86 -6.95
CA THR B 154 -26.84 -0.41 -6.82
C THR B 154 -26.44 0.03 -5.40
N SER B 155 -26.73 -0.78 -4.38
CA SER B 155 -26.35 -0.41 -3.02
C SER B 155 -24.83 -0.41 -2.80
N PHE B 156 -24.04 -0.94 -3.74
CA PHE B 156 -22.59 -0.92 -3.66
C PHE B 156 -21.95 0.11 -4.58
N MET B 157 -22.73 0.99 -5.20
CA MET B 157 -22.21 1.87 -6.24
C MET B 157 -22.26 3.32 -5.80
N ASN B 158 -21.30 4.09 -6.30
CA ASN B 158 -21.26 5.52 -6.02
C ASN B 158 -22.16 6.29 -6.98
N ARG B 159 -21.87 6.23 -8.28
CA ARG B 159 -22.70 6.79 -9.34
C ARG B 159 -23.38 5.67 -10.12
N THR B 160 -24.60 5.94 -10.58
CA THR B 160 -25.27 5.07 -11.53
C THR B 160 -25.36 5.77 -12.89
N GLY B 161 -26.20 5.22 -13.76
CA GLY B 161 -26.42 5.81 -15.05
C GLY B 161 -26.84 7.27 -14.98
N GLU B 162 -27.98 7.55 -14.35
CA GLU B 162 -28.47 8.92 -14.24
C GLU B 162 -28.34 9.53 -12.85
N GLY B 163 -28.13 8.74 -11.81
CA GLY B 163 -28.01 9.32 -10.48
C GLY B 163 -26.90 8.77 -9.62
N ARG B 164 -27.17 8.65 -8.33
CA ARG B 164 -26.25 8.15 -7.32
C ARG B 164 -26.70 6.77 -6.86
N GLY B 165 -25.75 5.91 -6.57
CA GLY B 165 -26.06 4.71 -5.82
C GLY B 165 -26.11 5.03 -4.34
N THR B 166 -26.28 4.00 -3.53
CA THR B 166 -26.26 4.18 -2.09
C THR B 166 -24.99 3.63 -1.44
N GLY B 167 -24.02 3.16 -2.23
CA GLY B 167 -22.81 2.61 -1.67
C GLY B 167 -21.57 3.36 -2.06
N GLY B 168 -20.44 2.69 -1.96
CA GLY B 168 -19.17 3.29 -2.36
C GLY B 168 -18.09 2.23 -2.36
N GLY B 169 -16.95 2.63 -2.91
CA GLY B 169 -15.80 1.76 -2.96
C GLY B 169 -14.54 2.57 -2.75
N VAL B 170 -13.45 1.84 -2.57
CA VAL B 170 -12.12 2.44 -2.43
C VAL B 170 -11.12 1.39 -2.91
N ILE B 171 -10.04 1.85 -3.55
CA ILE B 171 -9.01 0.97 -4.07
C ILE B 171 -7.88 0.90 -3.04
N LEU B 172 -7.77 -0.24 -2.38
CA LEU B 172 -6.81 -0.42 -1.30
C LEU B 172 -5.56 -1.15 -1.83
N GLY B 173 -4.59 -1.34 -0.92
CA GLY B 173 -3.34 -1.97 -1.27
C GLY B 173 -3.40 -3.48 -1.21
N THR B 174 -4.09 -4.01 -0.20
CA THR B 174 -4.17 -5.44 0.02
C THR B 174 -5.58 -5.80 0.49
N THR B 175 -5.89 -7.09 0.37
CA THR B 175 -7.08 -7.65 1.01
C THR B 175 -7.03 -7.49 2.54
N SER B 176 -5.83 -7.55 3.13
CA SER B 176 -5.69 -7.38 4.58
C SER B 176 -6.19 -6.02 5.02
N GLU B 177 -5.79 -4.97 4.29
CA GLU B 177 -6.30 -3.64 4.58
C GLU B 177 -7.82 -3.60 4.47
N ALA B 178 -8.39 -4.31 3.48
CA ALA B 178 -9.85 -4.33 3.35
C ALA B 178 -10.50 -4.96 4.58
N MET B 179 -9.91 -6.03 5.09
CA MET B 179 -10.43 -6.66 6.30
C MET B 179 -10.31 -5.73 7.49
N LEU B 180 -9.14 -5.09 7.65
CA LEU B 180 -8.93 -4.22 8.80
C LEU B 180 -9.98 -3.11 8.88
N VAL B 181 -10.17 -2.36 7.78
CA VAL B 181 -11.02 -1.16 7.88
C VAL B 181 -12.49 -1.54 8.00
N THR B 182 -12.90 -2.67 7.43
CA THR B 182 -14.27 -3.11 7.69
C THR B 182 -14.40 -3.72 9.09
N LEU B 183 -13.35 -4.37 9.59
CA LEU B 183 -13.37 -4.82 10.98
C LEU B 183 -13.49 -3.62 11.93
N VAL B 184 -12.72 -2.55 11.67
CA VAL B 184 -12.77 -1.36 12.53
C VAL B 184 -14.15 -0.71 12.50
N ALA B 185 -14.79 -0.67 11.32
CA ALA B 185 -16.11 -0.04 11.22
C ALA B 185 -17.19 -0.89 11.88
N ALA B 186 -17.10 -2.22 11.75
CA ALA B 186 -18.03 -3.09 12.49
C ALA B 186 -17.79 -3.00 13.98
N ARG B 187 -16.53 -2.86 14.37
CA ARG B 187 -16.17 -2.80 15.78
C ARG B 187 -16.78 -1.55 16.43
N ASP B 188 -16.58 -0.40 15.81
CA ASP B 188 -17.13 0.84 16.33
C ASP B 188 -18.67 0.83 16.29
N ALA B 189 -19.28 0.22 15.29
CA ALA B 189 -20.74 0.13 15.27
C ALA B 189 -21.25 -0.77 16.40
N ALA B 190 -20.61 -1.91 16.62
CA ALA B 190 -21.07 -2.78 17.70
C ALA B 190 -20.78 -2.18 19.07
N LEU B 191 -19.71 -1.38 19.20
CA LEU B 191 -19.44 -0.76 20.48
C LEU B 191 -20.56 0.21 20.84
N ARG B 192 -21.11 0.90 19.86
CA ARG B 192 -22.20 1.82 20.15
C ARG B 192 -23.55 1.13 20.24
N ARG B 193 -23.77 0.05 19.50
CA ARG B 193 -25.01 -0.72 19.66
C ARG B 193 -25.12 -1.33 21.06
N SER B 194 -24.00 -1.64 21.69
CA SER B 194 -24.00 -2.32 22.98
C SER B 194 -23.77 -1.36 24.14
N GLY B 195 -23.86 -0.05 23.90
CA GLY B 195 -23.72 0.95 24.94
C GLY B 195 -22.37 0.89 25.65
N SER B 196 -21.29 0.78 24.88
CA SER B 196 -19.97 0.71 25.45
C SER B 196 -19.42 2.11 25.72
N ASP B 197 -18.80 2.27 26.88
CA ASP B 197 -18.09 3.50 27.25
C ASP B 197 -16.76 3.50 26.51
N GLY B 198 -16.75 4.09 25.33
CA GLY B 198 -15.55 4.03 24.49
C GLY B 198 -15.22 2.60 24.16
N VAL B 199 -13.98 2.19 24.43
CA VAL B 199 -13.57 0.82 24.07
C VAL B 199 -13.74 -0.12 25.25
N ALA B 200 -14.35 0.37 26.34
CA ALA B 200 -14.48 -0.43 27.56
C ALA B 200 -15.23 -1.74 27.32
N GLY B 201 -16.17 -1.77 26.38
CA GLY B 201 -16.87 -3.00 26.06
C GLY B 201 -16.24 -3.86 24.99
N LEU B 202 -15.03 -3.51 24.53
CA LEU B 202 -14.41 -4.23 23.41
C LEU B 202 -14.19 -5.70 23.74
N HIS B 203 -13.94 -6.04 25.01
CA HIS B 203 -13.73 -7.44 25.39
C HIS B 203 -14.99 -8.30 25.28
N ARG B 204 -16.15 -7.72 24.98
CA ARG B 204 -17.34 -8.51 24.72
C ARG B 204 -17.61 -8.76 23.23
N LEU B 205 -16.88 -8.13 22.31
CA LEU B 205 -17.17 -8.32 20.89
C LEU B 205 -16.53 -9.60 20.37
N ALA B 206 -17.28 -10.37 19.59
CA ALA B 206 -16.80 -11.61 18.99
C ALA B 206 -16.87 -11.54 17.47
N VAL B 207 -15.98 -12.28 16.81
CA VAL B 207 -15.83 -12.29 15.36
C VAL B 207 -15.66 -13.73 14.89
N TYR B 208 -16.03 -13.99 13.63
CA TYR B 208 -16.20 -15.35 13.13
C TYR B 208 -15.68 -15.49 11.72
N ALA B 209 -15.02 -16.62 11.44
CA ALA B 209 -14.69 -17.01 10.08
C ALA B 209 -14.40 -18.50 10.06
N ALA B 210 -14.56 -19.11 8.89
CA ALA B 210 -14.19 -20.51 8.71
C ALA B 210 -12.69 -20.67 8.92
N ASP B 211 -12.27 -21.89 9.26
CA ASP B 211 -10.85 -22.14 9.49
C ASP B 211 -10.04 -22.11 8.19
N GLN B 212 -10.70 -22.10 7.03
CA GLN B 212 -10.05 -21.96 5.74
C GLN B 212 -9.85 -20.50 5.33
N THR B 213 -10.44 -19.55 6.07
CA THR B 213 -10.20 -18.14 5.80
C THR B 213 -8.72 -17.85 6.02
N HIS B 214 -8.19 -16.91 5.26
CA HIS B 214 -6.77 -16.63 5.33
C HIS B 214 -6.37 -16.23 6.74
N SER B 215 -5.17 -16.66 7.17
CA SER B 215 -4.69 -16.30 8.49
C SER B 215 -4.50 -14.80 8.65
N THR B 216 -4.34 -14.06 7.55
CA THR B 216 -4.21 -12.62 7.69
C THR B 216 -5.51 -12.00 8.21
N PHE B 217 -6.64 -12.69 8.08
CA PHE B 217 -7.88 -12.15 8.61
C PHE B 217 -7.91 -12.20 10.13
N PHE B 218 -7.47 -13.32 10.72
CA PHE B 218 -7.40 -13.38 12.18
C PHE B 218 -6.36 -12.42 12.72
N LYS B 219 -5.27 -12.19 11.96
CA LYS B 219 -4.33 -11.13 12.34
C LYS B 219 -5.00 -9.76 12.28
N ALA B 220 -5.81 -9.50 11.24
CA ALA B 220 -6.51 -8.22 11.17
C ALA B 220 -7.42 -8.01 12.38
N CYS B 221 -8.11 -9.08 12.82
CA CYS B 221 -8.94 -9.03 14.01
C CYS B 221 -8.13 -8.57 15.24
N ARG B 222 -6.93 -9.14 15.41
CA ARG B 222 -6.11 -8.76 16.55
C ARG B 222 -5.58 -7.34 16.41
N LEU B 223 -5.27 -6.90 15.19
CA LEU B 223 -4.84 -5.51 15.00
C LEU B 223 -5.96 -4.55 15.39
N ALA B 224 -7.20 -4.87 15.03
CA ALA B 224 -8.33 -4.03 15.34
C ALA B 224 -8.67 -4.02 16.83
N GLY B 225 -8.03 -4.86 17.63
CA GLY B 225 -8.22 -4.84 19.07
C GLY B 225 -9.17 -5.88 19.61
N PHE B 226 -9.73 -6.74 18.76
CA PHE B 226 -10.56 -7.82 19.27
C PHE B 226 -9.75 -8.74 20.18
N ASP B 227 -10.45 -9.39 21.08
CA ASP B 227 -9.84 -10.22 22.09
C ASP B 227 -9.54 -11.59 21.50
N PRO B 228 -8.30 -12.09 21.63
CA PRO B 228 -8.00 -13.46 21.14
C PRO B 228 -9.00 -14.53 21.58
N ALA B 229 -9.52 -14.43 22.80
CA ALA B 229 -10.52 -15.39 23.26
C ALA B 229 -11.82 -15.34 22.47
N ASN B 230 -12.11 -14.22 21.80
CA ASN B 230 -13.38 -14.03 21.09
C ASN B 230 -13.24 -14.08 19.57
N ILE B 231 -12.09 -14.47 19.05
CA ILE B 231 -11.88 -14.61 17.61
C ILE B 231 -12.10 -16.06 17.25
N ARG B 232 -13.19 -16.37 16.56
CA ARG B 232 -13.61 -17.74 16.32
C ARG B 232 -13.16 -18.23 14.95
N SER B 233 -12.46 -19.36 14.94
CA SER B 233 -12.13 -20.10 13.72
C SER B 233 -13.08 -21.29 13.65
N ILE B 234 -14.02 -21.28 12.69
CA ILE B 234 -15.03 -22.32 12.66
C ILE B 234 -14.46 -23.52 11.90
N PRO B 235 -14.43 -24.70 12.52
CA PRO B 235 -13.95 -25.90 11.79
C PRO B 235 -14.79 -26.19 10.56
N THR B 236 -14.11 -26.62 9.49
CA THR B 236 -14.75 -27.10 8.28
C THR B 236 -14.24 -28.50 7.99
N GLY B 237 -15.04 -29.29 7.27
CA GLY B 237 -14.65 -30.64 6.90
C GLY B 237 -14.94 -30.92 5.43
N ALA B 238 -14.55 -32.12 5.01
CA ALA B 238 -14.71 -32.52 3.61
C ALA B 238 -16.17 -32.68 3.22
N GLU B 239 -17.10 -32.81 4.17
CA GLU B 239 -18.49 -33.02 3.80
C GLU B 239 -19.15 -31.77 3.26
N THR B 240 -18.51 -30.61 3.39
CA THR B 240 -18.95 -29.38 2.74
C THR B 240 -17.91 -28.88 1.74
N ASP B 241 -17.02 -29.77 1.29
CA ASP B 241 -15.84 -29.39 0.51
C ASP B 241 -15.11 -28.23 1.15
N TYR B 242 -15.06 -28.25 2.49
CA TYR B 242 -14.35 -27.28 3.32
C TYR B 242 -14.91 -25.87 3.22
N GLY B 243 -16.12 -25.71 2.67
CA GLY B 243 -16.83 -24.47 2.83
C GLY B 243 -17.49 -24.37 4.21
N LEU B 244 -17.72 -23.13 4.65
CA LEU B 244 -18.34 -22.91 5.94
C LEU B 244 -19.75 -23.48 5.99
N ASP B 245 -20.01 -24.28 7.01
CA ASP B 245 -21.37 -24.77 7.30
C ASP B 245 -22.14 -23.69 8.04
N PRO B 246 -23.22 -23.15 7.46
CA PRO B 246 -23.97 -22.09 8.16
C PRO B 246 -24.55 -22.54 9.49
N ALA B 247 -24.89 -23.83 9.64
CA ALA B 247 -25.41 -24.31 10.92
C ALA B 247 -24.35 -24.21 12.00
N ARG B 248 -23.09 -24.54 11.66
CA ARG B 248 -22.01 -24.39 12.62
C ARG B 248 -21.80 -22.93 13.00
N LEU B 249 -21.94 -22.02 12.02
CA LEU B 249 -21.79 -20.60 12.33
C LEU B 249 -22.87 -20.12 13.28
N LEU B 250 -24.12 -20.51 13.03
CA LEU B 250 -25.23 -20.12 13.90
C LEU B 250 -25.04 -20.66 15.30
N GLU B 251 -24.61 -21.92 15.41
CA GLU B 251 -24.35 -22.51 16.72
C GLU B 251 -23.33 -21.69 17.49
N ALA B 252 -22.24 -21.28 16.82
CA ALA B 252 -21.21 -20.51 17.51
C ALA B 252 -21.69 -19.10 17.87
N MET B 253 -22.38 -18.43 16.94
CA MET B 253 -22.84 -17.07 17.23
C MET B 253 -23.94 -17.06 18.29
N GLN B 254 -24.81 -18.08 18.28
CA GLN B 254 -25.85 -18.16 19.31
C GLN B 254 -25.25 -18.41 20.68
N ALA B 255 -24.28 -19.32 20.77
CA ALA B 255 -23.63 -19.59 22.04
C ALA B 255 -22.97 -18.33 22.61
N ASP B 256 -22.33 -17.52 21.76
CA ASP B 256 -21.73 -16.28 22.26
C ASP B 256 -22.79 -15.29 22.70
N ALA B 257 -23.89 -15.19 21.94
CA ALA B 257 -24.96 -14.28 22.32
C ALA B 257 -25.58 -14.69 23.66
N ASP B 258 -25.78 -16.00 23.85
CA ASP B 258 -26.37 -16.49 25.10
C ASP B 258 -25.41 -16.31 26.27
N ALA B 259 -24.11 -16.31 26.02
CA ALA B 259 -23.12 -16.09 27.06
C ALA B 259 -22.86 -14.62 27.34
N GLY B 260 -23.59 -13.71 26.71
CA GLY B 260 -23.37 -12.29 26.97
C GLY B 260 -22.38 -11.58 26.05
N LEU B 261 -21.81 -12.27 25.05
CA LEU B 261 -20.91 -11.62 24.10
C LEU B 261 -21.72 -11.01 22.95
N VAL B 262 -21.06 -10.14 22.18
CA VAL B 262 -21.73 -9.46 21.07
C VAL B 262 -21.15 -9.91 19.72
N PRO B 263 -21.84 -10.77 18.97
CA PRO B 263 -21.37 -11.12 17.62
C PRO B 263 -21.34 -9.89 16.73
N THR B 264 -20.15 -9.57 16.22
CA THR B 264 -19.86 -8.31 15.58
C THR B 264 -19.57 -8.42 14.08
N TYR B 265 -19.00 -9.52 13.62
CA TYR B 265 -18.46 -9.54 12.27
C TYR B 265 -18.24 -10.98 11.84
N VAL B 266 -18.63 -11.28 10.60
CA VAL B 266 -18.44 -12.59 9.99
C VAL B 266 -17.75 -12.37 8.65
N CYS B 267 -16.70 -13.13 8.39
CA CYS B 267 -16.01 -13.09 7.10
C CYS B 267 -16.33 -14.39 6.36
N ALA B 268 -16.95 -14.26 5.20
CA ALA B 268 -17.17 -15.38 4.30
C ALA B 268 -16.18 -15.28 3.14
N THR B 269 -15.56 -16.38 2.78
CA THR B 269 -14.58 -16.37 1.69
C THR B 269 -15.14 -17.09 0.47
N VAL B 270 -15.08 -16.44 -0.69
CA VAL B 270 -15.38 -17.05 -1.98
C VAL B 270 -14.03 -17.32 -2.64
N GLY B 271 -13.58 -18.58 -2.61
CA GLY B 271 -12.29 -18.96 -3.19
C GLY B 271 -11.13 -18.92 -2.22
N THR B 272 -11.14 -19.81 -1.21
CA THR B 272 -10.09 -19.80 -0.21
C THR B 272 -8.73 -20.07 -0.85
N THR B 273 -7.69 -19.62 -0.13
CA THR B 273 -6.33 -19.68 -0.63
C THR B 273 -5.88 -21.13 -0.76
N SER B 274 -6.14 -21.92 0.27
CA SER B 274 -5.58 -23.28 0.31
C SER B 274 -6.13 -24.15 -0.82
N SER B 275 -7.47 -24.26 -0.90
CA SER B 275 -8.09 -25.22 -1.82
C SER B 275 -9.23 -24.64 -2.64
N ASN B 276 -9.45 -23.32 -2.61
CA ASN B 276 -10.49 -22.67 -3.39
C ASN B 276 -11.88 -23.15 -2.97
N ALA B 277 -12.09 -23.32 -1.67
CA ALA B 277 -13.44 -23.58 -1.16
C ALA B 277 -14.30 -22.32 -1.26
N VAL B 278 -15.61 -22.51 -1.27
CA VAL B 278 -16.58 -21.41 -1.40
C VAL B 278 -17.51 -21.43 -0.19
N ASP B 279 -17.56 -20.31 0.55
CA ASP B 279 -18.55 -20.18 1.62
C ASP B 279 -19.89 -19.77 1.02
N PRO B 280 -21.03 -20.29 1.53
CA PRO B 280 -22.34 -19.94 0.97
C PRO B 280 -22.76 -18.55 1.43
N VAL B 281 -22.69 -17.58 0.51
CA VAL B 281 -22.75 -16.18 0.92
C VAL B 281 -24.13 -15.83 1.45
N GLY B 282 -25.17 -16.18 0.71
CA GLY B 282 -26.53 -15.84 1.14
C GLY B 282 -26.89 -16.48 2.46
N ALA B 283 -26.52 -17.74 2.65
CA ALA B 283 -26.85 -18.43 3.89
C ALA B 283 -26.07 -17.85 5.07
N VAL B 284 -24.82 -17.43 4.84
CA VAL B 284 -24.05 -16.80 5.91
C VAL B 284 -24.64 -15.44 6.27
N ALA B 285 -25.12 -14.69 5.27
CA ALA B 285 -25.73 -13.40 5.58
C ALA B 285 -27.03 -13.56 6.35
N ASP B 286 -27.80 -14.61 6.05
CA ASP B 286 -29.03 -14.88 6.78
C ASP B 286 -28.75 -15.19 8.24
N VAL B 287 -27.70 -15.98 8.51
CA VAL B 287 -27.39 -16.32 9.89
C VAL B 287 -26.92 -15.10 10.66
N ALA B 288 -26.04 -14.29 10.06
CA ALA B 288 -25.53 -13.12 10.78
C ALA B 288 -26.59 -12.07 10.99
N ALA B 289 -27.60 -12.02 10.12
CA ALA B 289 -28.65 -11.01 10.27
C ALA B 289 -29.43 -11.19 11.57
N ARG B 290 -29.47 -12.42 12.11
CA ARG B 290 -30.10 -12.64 13.41
C ARG B 290 -29.47 -11.80 14.51
N PHE B 291 -28.18 -11.46 14.38
CA PHE B 291 -27.46 -10.75 15.43
C PHE B 291 -27.01 -9.36 15.01
N ALA B 292 -27.41 -8.90 13.82
CA ALA B 292 -27.00 -7.60 13.28
C ALA B 292 -25.49 -7.52 13.05
N ALA B 293 -24.83 -8.65 12.87
CA ALA B 293 -23.39 -8.65 12.66
C ALA B 293 -23.03 -8.23 11.23
N TRP B 294 -21.95 -7.46 11.11
CA TRP B 294 -21.40 -7.10 9.82
C TRP B 294 -20.94 -8.35 9.07
N VAL B 295 -21.19 -8.40 7.76
CA VAL B 295 -20.76 -9.52 6.93
C VAL B 295 -19.88 -9.01 5.80
N HIS B 296 -18.66 -9.50 5.73
CA HIS B 296 -17.71 -9.15 4.70
C HIS B 296 -17.41 -10.39 3.86
N VAL B 297 -17.46 -10.22 2.54
CA VAL B 297 -17.11 -11.27 1.59
C VAL B 297 -15.71 -10.99 1.07
N ASP B 298 -14.81 -11.93 1.32
CA ASP B 298 -13.45 -11.91 0.81
C ASP B 298 -13.41 -12.77 -0.44
N ALA B 299 -13.31 -12.14 -1.61
CA ALA B 299 -13.18 -12.83 -2.89
C ALA B 299 -11.92 -12.39 -3.60
N ALA B 300 -10.81 -12.29 -2.84
CA ALA B 300 -9.57 -11.73 -3.37
C ALA B 300 -9.21 -12.30 -4.75
N TYR B 301 -9.24 -13.61 -4.87
CA TYR B 301 -8.85 -14.28 -6.11
C TYR B 301 -10.07 -14.56 -6.99
N ALA B 302 -11.03 -15.30 -6.45
CA ALA B 302 -12.13 -15.78 -7.29
C ALA B 302 -13.09 -14.67 -7.71
N GLY B 303 -13.10 -13.52 -7.01
CA GLY B 303 -13.97 -12.42 -7.43
C GLY B 303 -13.85 -12.08 -8.90
N SER B 304 -12.62 -12.07 -9.43
CA SER B 304 -12.41 -11.76 -10.83
C SER B 304 -13.23 -12.67 -11.75
N ALA B 305 -13.33 -13.95 -11.40
CA ALA B 305 -14.10 -14.90 -12.22
C ALA B 305 -15.56 -14.51 -12.30
N CYS B 306 -16.07 -13.82 -11.27
CA CYS B 306 -17.49 -13.53 -11.17
C CYS B 306 -17.97 -12.46 -12.16
N ILE B 307 -17.08 -11.91 -13.00
CA ILE B 307 -17.52 -11.12 -14.13
C ILE B 307 -18.09 -11.97 -15.25
N CYS B 308 -18.01 -13.28 -15.11
CA CYS B 308 -18.59 -14.22 -16.05
C CYS B 308 -19.88 -14.79 -15.47
N PRO B 309 -20.95 -14.87 -16.27
CA PRO B 309 -22.24 -15.31 -15.72
C PRO B 309 -22.21 -16.71 -15.11
N GLU B 310 -21.40 -17.64 -15.63
CA GLU B 310 -21.39 -18.99 -15.08
C GLU B 310 -20.64 -19.10 -13.75
N PHE B 311 -20.00 -18.02 -13.28
CA PHE B 311 -19.41 -17.99 -11.96
C PHE B 311 -20.12 -17.05 -11.00
N ARG B 312 -21.04 -16.22 -11.50
CA ARG B 312 -21.64 -15.17 -10.69
C ARG B 312 -22.58 -15.71 -9.61
N HIS B 313 -23.04 -16.95 -9.73
CA HIS B 313 -23.88 -17.53 -8.68
C HIS B 313 -23.13 -17.62 -7.35
N HIS B 314 -21.80 -17.71 -7.39
CA HIS B 314 -21.01 -17.77 -6.16
C HIS B 314 -21.21 -16.54 -5.28
N LEU B 315 -21.64 -15.41 -5.87
CA LEU B 315 -21.90 -14.19 -5.11
C LEU B 315 -23.39 -13.96 -4.87
N ASP B 316 -24.24 -14.97 -5.08
CA ASP B 316 -25.66 -14.84 -4.76
C ASP B 316 -25.84 -14.57 -3.26
N GLY B 317 -26.58 -13.52 -2.95
CA GLY B 317 -26.74 -13.07 -1.58
C GLY B 317 -25.85 -11.91 -1.21
N VAL B 318 -24.96 -11.48 -2.12
CA VAL B 318 -24.12 -10.31 -1.88
C VAL B 318 -24.98 -9.09 -1.60
N GLU B 319 -26.20 -9.06 -2.09
CA GLU B 319 -27.05 -7.90 -1.85
C GLU B 319 -27.39 -7.74 -0.37
N ARG B 320 -27.18 -8.79 0.45
CA ARG B 320 -27.46 -8.71 1.88
C ARG B 320 -26.21 -8.65 2.75
N VAL B 321 -25.01 -8.59 2.16
CA VAL B 321 -23.80 -8.44 2.97
C VAL B 321 -23.48 -6.95 3.12
N ASP B 322 -22.56 -6.62 4.02
CA ASP B 322 -22.15 -5.24 4.24
C ASP B 322 -20.99 -4.80 3.36
N SER B 323 -20.09 -5.70 2.98
CA SER B 323 -18.92 -5.27 2.23
C SER B 323 -18.37 -6.47 1.47
N ILE B 324 -17.60 -6.16 0.43
CA ILE B 324 -16.99 -7.19 -0.41
C ILE B 324 -15.72 -6.63 -1.02
N SER B 325 -14.70 -7.48 -1.12
CA SER B 325 -13.42 -7.07 -1.66
C SER B 325 -12.93 -8.14 -2.63
N MET B 326 -12.16 -7.69 -3.60
CA MET B 326 -11.50 -8.61 -4.52
C MET B 326 -10.28 -7.89 -5.06
N SER B 327 -9.36 -8.65 -5.63
CA SER B 327 -8.05 -8.11 -6.02
C SER B 327 -7.79 -8.27 -7.50
N PRO B 328 -7.97 -7.21 -8.30
CA PRO B 328 -7.54 -7.28 -9.72
C PRO B 328 -6.07 -7.64 -9.88
N HIS B 329 -5.23 -7.37 -8.87
CA HIS B 329 -3.82 -7.71 -8.98
C HIS B 329 -3.55 -9.19 -8.75
N LYS B 330 -4.59 -10.00 -8.51
CA LYS B 330 -4.44 -11.43 -8.72
C LYS B 330 -4.87 -11.80 -10.15
N TRP B 331 -6.18 -11.91 -10.40
CA TRP B 331 -6.69 -12.56 -11.60
C TRP B 331 -7.36 -11.59 -12.59
N LEU B 332 -7.04 -10.30 -12.55
CA LEU B 332 -7.60 -9.36 -13.53
C LEU B 332 -6.54 -8.46 -14.14
N MET B 333 -5.34 -8.98 -14.36
CA MET B 333 -4.38 -8.41 -15.32
C MET B 333 -3.91 -7.02 -14.94
N THR B 334 -3.93 -6.72 -13.66
CA THR B 334 -3.52 -5.42 -13.15
C THR B 334 -2.38 -5.65 -12.17
N CYS B 335 -1.24 -5.01 -12.40
CA CYS B 335 -0.11 -5.24 -11.50
C CYS B 335 -0.40 -4.69 -10.10
N LEU B 336 0.33 -5.20 -9.10
CA LEU B 336 0.20 -4.72 -7.72
C LEU B 336 0.53 -3.22 -7.62
N ASP B 337 -0.13 -2.51 -6.70
CA ASP B 337 -1.22 -3.00 -5.82
C ASP B 337 -2.59 -2.55 -6.33
N CYS B 338 -3.59 -3.42 -6.15
CA CYS B 338 -4.94 -3.08 -6.59
C CYS B 338 -5.90 -4.07 -5.93
N THR B 339 -6.45 -3.67 -4.79
CA THR B 339 -7.53 -4.38 -4.13
C THR B 339 -8.73 -3.45 -4.09
N CYS B 340 -9.90 -3.95 -4.50
CA CYS B 340 -11.11 -3.14 -4.57
C CYS B 340 -12.04 -3.54 -3.42
N LEU B 341 -12.35 -2.58 -2.55
CA LEU B 341 -13.29 -2.78 -1.46
C LEU B 341 -14.59 -2.05 -1.79
N TYR B 342 -15.71 -2.76 -1.66
CA TYR B 342 -17.04 -2.20 -1.84
C TYR B 342 -17.82 -2.29 -0.55
N VAL B 343 -18.52 -1.21 -0.18
CA VAL B 343 -19.30 -1.15 1.06
C VAL B 343 -20.76 -0.82 0.72
N ARG B 344 -21.68 -1.62 1.26
CA ARG B 344 -23.11 -1.36 1.10
C ARG B 344 -23.57 -0.17 1.92
N ASP B 345 -24.51 0.60 1.36
CA ASP B 345 -25.26 1.64 2.06
C ASP B 345 -24.40 2.47 3.00
N THR B 346 -23.52 3.28 2.44
CA THR B 346 -22.52 3.95 3.24
C THR B 346 -23.07 5.09 4.10
N HIS B 347 -24.39 5.36 4.06
CA HIS B 347 -24.96 6.36 4.97
C HIS B 347 -24.89 5.92 6.44
N ARG B 348 -24.73 4.62 6.70
CA ARG B 348 -24.57 4.09 8.05
C ARG B 348 -23.20 4.35 8.66
N LEU B 349 -22.31 5.06 7.97
CA LEU B 349 -20.98 5.33 8.51
C LEU B 349 -20.87 6.78 8.96
N GLY B 368 -23.89 15.97 -4.56
CA GLY B 368 -23.25 16.35 -5.81
C GLY B 368 -21.75 16.05 -5.87
N GLU B 369 -21.13 15.95 -4.69
CA GLU B 369 -19.72 15.60 -4.55
C GLU B 369 -19.47 14.16 -5.01
N VAL B 370 -18.26 13.89 -5.50
CA VAL B 370 -17.91 12.60 -6.08
C VAL B 370 -16.56 12.18 -5.50
N THR B 371 -16.57 11.23 -4.56
CA THR B 371 -15.35 10.78 -3.91
C THR B 371 -15.47 9.30 -3.57
N ASP B 372 -14.32 8.62 -3.51
CA ASP B 372 -14.25 7.28 -2.96
C ASP B 372 -14.26 7.34 -1.42
N LEU B 373 -14.39 6.18 -0.79
CA LEU B 373 -14.38 6.10 0.68
C LEU B 373 -12.98 6.32 1.21
N LYS B 374 -12.49 7.57 1.14
CA LYS B 374 -11.11 7.85 1.49
C LYS B 374 -10.81 7.52 2.95
N ASP B 375 -11.80 7.62 3.85
CA ASP B 375 -11.46 7.36 5.24
C ASP B 375 -11.36 5.87 5.54
N MET B 376 -11.80 5.00 4.64
CA MET B 376 -11.64 3.56 4.88
C MET B 376 -10.38 3.02 4.21
N GLN B 377 -9.26 3.69 4.50
CA GLN B 377 -7.92 3.20 4.25
C GLN B 377 -7.10 3.29 5.53
N VAL B 378 -5.92 2.67 5.48
CA VAL B 378 -4.94 2.90 6.54
C VAL B 378 -4.39 4.32 6.43
N GLY B 379 -3.89 4.69 5.27
CA GLY B 379 -3.20 5.95 5.07
C GLY B 379 -3.93 6.91 4.14
N VAL B 380 -3.92 8.20 4.53
CA VAL B 380 -4.68 9.21 3.81
C VAL B 380 -4.20 9.34 2.37
N GLY B 381 -2.89 9.37 2.15
CA GLY B 381 -2.35 9.77 0.88
C GLY B 381 -1.42 8.75 0.28
N ARG B 382 -1.82 8.17 -0.84
CA ARG B 382 -1.04 7.19 -1.57
C ARG B 382 -1.25 7.43 -3.06
N ARG B 383 -0.62 6.60 -3.88
CA ARG B 383 -0.57 6.89 -5.31
C ARG B 383 -1.93 6.65 -5.98
N PHE B 384 -1.97 7.05 -7.23
CA PHE B 384 -3.12 7.01 -8.12
C PHE B 384 -3.24 5.60 -8.70
N ARG B 385 -3.92 4.72 -7.96
CA ARG B 385 -4.04 3.33 -8.41
C ARG B 385 -5.16 3.10 -9.43
N GLY B 386 -6.07 4.05 -9.63
CA GLY B 386 -7.20 3.78 -10.51
C GLY B 386 -6.86 3.83 -12.00
N LEU B 387 -5.79 4.52 -12.37
CA LEU B 387 -5.50 4.75 -13.78
C LEU B 387 -5.25 3.43 -14.51
N LYS B 388 -4.46 2.54 -13.90
CA LYS B 388 -4.16 1.27 -14.56
C LYS B 388 -5.38 0.38 -14.64
N LEU B 389 -6.25 0.42 -13.63
CA LEU B 389 -7.44 -0.42 -13.66
C LEU B 389 -8.38 0.02 -14.78
N TRP B 390 -8.53 1.34 -14.96
CA TRP B 390 -9.34 1.88 -16.04
C TRP B 390 -8.73 1.56 -17.40
N MET B 391 -7.42 1.73 -17.55
CA MET B 391 -6.78 1.41 -18.83
C MET B 391 -6.95 -0.05 -19.20
N VAL B 392 -6.86 -0.96 -18.22
CA VAL B 392 -7.17 -2.36 -18.49
C VAL B 392 -8.58 -2.48 -19.05
N MET B 393 -9.58 -1.90 -18.37
CA MET B 393 -10.96 -2.05 -18.81
C MET B 393 -11.21 -1.35 -20.14
N ARG B 394 -10.64 -0.17 -20.34
CA ARG B 394 -10.91 0.61 -21.53
C ARG B 394 -10.23 0.02 -22.77
N THR B 395 -8.99 -0.46 -22.62
CA THR B 395 -8.26 -1.00 -23.77
C THR B 395 -8.76 -2.38 -24.17
N TYR B 396 -9.06 -3.26 -23.21
CA TYR B 396 -9.40 -4.63 -23.58
C TYR B 396 -10.90 -4.90 -23.62
N GLY B 397 -11.68 -4.26 -22.74
CA GLY B 397 -13.12 -4.42 -22.75
C GLY B 397 -13.59 -5.67 -22.02
N VAL B 398 -14.90 -5.71 -21.76
CA VAL B 398 -15.45 -6.77 -20.92
C VAL B 398 -15.28 -8.13 -21.58
N ALA B 399 -15.54 -8.22 -22.89
CA ALA B 399 -15.53 -9.54 -23.51
C ALA B 399 -14.15 -10.18 -23.39
N LYS B 400 -13.07 -9.40 -23.58
CA LYS B 400 -11.73 -9.99 -23.49
C LYS B 400 -11.37 -10.34 -22.05
N LEU B 401 -11.80 -9.54 -21.08
CA LEU B 401 -11.55 -9.91 -19.68
C LEU B 401 -12.27 -11.22 -19.36
N GLN B 402 -13.50 -11.38 -19.86
CA GLN B 402 -14.24 -12.62 -19.65
C GLN B 402 -13.57 -13.80 -20.32
N GLU B 403 -13.05 -13.61 -21.53
CA GLU B 403 -12.36 -14.74 -22.18
C GLU B 403 -11.04 -15.05 -21.47
N HIS B 404 -10.38 -14.04 -20.91
CA HIS B 404 -9.17 -14.31 -20.12
C HIS B 404 -9.48 -15.22 -18.93
N ILE B 405 -10.61 -14.99 -18.25
CA ILE B 405 -11.01 -15.88 -17.16
C ILE B 405 -11.33 -17.27 -17.69
N ARG B 406 -12.13 -17.34 -18.75
CA ARG B 406 -12.58 -18.64 -19.25
C ARG B 406 -11.42 -19.49 -19.76
N SER B 407 -10.44 -18.87 -20.40
CA SER B 407 -9.37 -19.70 -20.96
C SER B 407 -8.43 -20.21 -19.88
N ASP B 408 -8.24 -19.44 -18.80
CA ASP B 408 -7.53 -19.94 -17.61
C ASP B 408 -8.28 -21.11 -16.98
N VAL B 409 -9.61 -21.01 -16.83
CA VAL B 409 -10.39 -22.11 -16.28
C VAL B 409 -10.26 -23.35 -17.17
N ALA B 410 -10.30 -23.16 -18.50
CA ALA B 410 -10.22 -24.28 -19.43
C ALA B 410 -8.87 -24.97 -19.33
N MET B 411 -7.79 -24.20 -19.21
CA MET B 411 -6.48 -24.79 -18.99
C MET B 411 -6.43 -25.57 -17.68
N ALA B 412 -7.08 -25.04 -16.63
CA ALA B 412 -7.12 -25.74 -15.36
C ALA B 412 -7.92 -27.03 -15.47
N LYS B 413 -8.99 -27.01 -16.27
CA LYS B 413 -9.76 -28.23 -16.51
C LYS B 413 -8.95 -29.26 -17.30
N VAL B 414 -8.16 -28.81 -18.27
CA VAL B 414 -7.27 -29.73 -18.98
C VAL B 414 -6.35 -30.45 -17.98
N PHE B 415 -5.73 -29.69 -17.08
CA PHE B 415 -4.82 -30.29 -16.11
C PHE B 415 -5.57 -31.24 -15.17
N GLU B 416 -6.73 -30.82 -14.67
CA GLU B 416 -7.52 -31.66 -13.78
C GLU B 416 -7.87 -32.99 -14.43
N ASP B 417 -8.30 -32.96 -15.70
CA ASP B 417 -8.64 -34.20 -16.39
C ASP B 417 -7.41 -35.07 -16.64
N LEU B 418 -6.25 -34.46 -16.88
CA LEU B 418 -5.02 -35.25 -16.97
C LEU B 418 -4.70 -35.94 -15.65
N VAL B 419 -4.83 -35.21 -14.52
CA VAL B 419 -4.60 -35.83 -13.21
C VAL B 419 -5.56 -36.99 -12.98
N ARG B 420 -6.85 -36.76 -13.28
CA ARG B 420 -7.87 -37.78 -13.07
C ARG B 420 -7.64 -39.02 -13.93
N GLY B 421 -6.88 -38.88 -15.03
CA GLY B 421 -6.55 -40.00 -15.89
C GLY B 421 -5.40 -40.88 -15.45
N ASP B 422 -4.70 -40.55 -14.36
CA ASP B 422 -3.55 -41.33 -13.88
C ASP B 422 -3.85 -41.78 -12.45
N ASP B 423 -4.01 -43.10 -12.27
CA ASP B 423 -4.47 -43.62 -10.99
C ASP B 423 -3.42 -43.57 -9.89
N ARG B 424 -2.18 -43.19 -10.19
CA ARG B 424 -1.24 -42.91 -9.11
C ARG B 424 -1.59 -41.64 -8.32
N PHE B 425 -2.47 -40.78 -8.85
CA PHE B 425 -2.78 -39.49 -8.28
C PHE B 425 -4.25 -39.40 -7.89
N GLU B 426 -4.59 -38.33 -7.18
CA GLU B 426 -5.97 -37.99 -6.91
C GLU B 426 -6.11 -36.49 -6.91
N VAL B 427 -7.29 -36.02 -7.32
CA VAL B 427 -7.69 -34.63 -7.14
C VAL B 427 -8.48 -34.56 -5.84
N VAL B 428 -7.95 -33.83 -4.85
CA VAL B 428 -8.47 -33.99 -3.49
C VAL B 428 -9.74 -33.19 -3.20
N VAL B 429 -10.02 -32.12 -3.95
CA VAL B 429 -11.27 -31.38 -3.82
C VAL B 429 -11.75 -31.00 -5.21
N PRO B 430 -13.06 -30.75 -5.37
CA PRO B 430 -13.54 -30.26 -6.67
C PRO B 430 -12.86 -28.94 -7.04
N ARG B 431 -12.57 -28.79 -8.34
CA ARG B 431 -11.97 -27.57 -8.90
C ARG B 431 -13.07 -26.58 -9.20
N ASN B 432 -13.06 -25.44 -8.51
CA ASN B 432 -14.06 -24.40 -8.72
C ASN B 432 -13.61 -23.34 -9.71
N PHE B 433 -12.31 -23.02 -9.71
CA PHE B 433 -11.83 -21.99 -10.62
C PHE B 433 -10.63 -22.49 -11.40
N ALA B 434 -9.48 -21.82 -11.30
CA ALA B 434 -8.30 -22.24 -12.05
C ALA B 434 -7.21 -22.82 -11.16
N LEU B 435 -7.57 -23.26 -9.95
CA LEU B 435 -6.64 -23.92 -9.04
C LEU B 435 -7.03 -25.39 -8.89
N VAL B 436 -6.06 -26.28 -9.06
CA VAL B 436 -6.25 -27.71 -8.86
C VAL B 436 -5.36 -28.17 -7.71
N CYS B 437 -5.94 -28.93 -6.78
CA CYS B 437 -5.20 -29.57 -5.70
C CYS B 437 -5.15 -31.07 -5.98
N PHE B 438 -3.93 -31.62 -6.02
CA PHE B 438 -3.72 -33.02 -6.34
C PHE B 438 -2.55 -33.55 -5.53
N ARG B 439 -2.42 -34.87 -5.48
CA ARG B 439 -1.33 -35.51 -4.75
C ARG B 439 -1.14 -36.93 -5.28
N ILE B 440 0.07 -37.44 -5.08
CA ILE B 440 0.30 -38.88 -5.16
C ILE B 440 -0.51 -39.56 -4.07
N ARG B 441 -1.38 -40.49 -4.46
CA ARG B 441 -2.21 -41.11 -3.43
C ARG B 441 -1.46 -42.25 -2.73
N ALA B 442 -1.96 -42.63 -1.56
CA ALA B 442 -1.43 -43.81 -0.88
C ALA B 442 -1.79 -45.06 -1.67
N GLY B 443 -0.80 -45.93 -1.85
CA GLY B 443 -0.95 -47.08 -2.73
C GLY B 443 -0.53 -46.85 -4.16
N ALA B 444 -0.02 -45.66 -4.49
CA ALA B 444 0.44 -45.41 -5.85
C ALA B 444 1.68 -46.21 -6.19
N GLY B 445 2.43 -46.62 -5.18
CA GLY B 445 3.59 -47.47 -5.35
C GLY B 445 4.01 -47.94 -3.98
N ALA B 446 5.04 -48.80 -3.97
CA ALA B 446 5.59 -49.22 -2.68
C ALA B 446 6.17 -48.03 -1.91
N ALA B 447 6.71 -47.03 -2.62
CA ALA B 447 7.23 -45.81 -2.00
C ALA B 447 6.11 -44.85 -1.56
N ALA B 448 4.84 -45.24 -1.72
CA ALA B 448 3.69 -44.50 -1.20
C ALA B 448 2.69 -45.49 -0.61
N ALA B 449 3.18 -46.36 0.28
CA ALA B 449 2.35 -47.44 0.81
C ALA B 449 1.37 -46.95 1.87
N THR B 450 1.84 -46.21 2.86
CA THR B 450 0.95 -45.60 3.85
C THR B 450 0.68 -44.13 3.49
N GLU B 451 -0.28 -43.58 4.21
CA GLU B 451 -0.68 -42.20 4.01
C GLU B 451 0.37 -41.23 4.54
N GLU B 452 1.24 -41.68 5.43
CA GLU B 452 2.38 -40.85 5.82
C GLU B 452 3.52 -40.97 4.81
N ASP B 453 3.69 -42.13 4.17
CA ASP B 453 4.65 -42.25 3.07
C ASP B 453 4.21 -41.41 1.86
N ALA B 454 2.90 -41.35 1.61
CA ALA B 454 2.41 -40.49 0.53
C ALA B 454 2.76 -39.03 0.80
N ASP B 455 2.67 -38.61 2.07
CA ASP B 455 3.01 -37.24 2.44
C ASP B 455 4.46 -36.93 2.07
N GLU B 456 5.40 -37.78 2.47
CA GLU B 456 6.79 -37.51 2.12
C GLU B 456 7.05 -37.69 0.61
N ALA B 457 6.31 -38.59 -0.06
CA ALA B 457 6.48 -38.70 -1.51
C ALA B 457 6.05 -37.42 -2.22
N ASN B 458 4.94 -36.82 -1.78
CA ASN B 458 4.47 -35.57 -2.38
C ASN B 458 5.44 -34.42 -2.09
N ARG B 459 5.99 -34.37 -0.88
CA ARG B 459 7.01 -33.35 -0.60
C ARG B 459 8.23 -33.55 -1.48
N GLU B 460 8.68 -34.80 -1.62
CA GLU B 460 9.82 -35.09 -2.47
C GLU B 460 9.53 -34.71 -3.93
N LEU B 461 8.33 -35.02 -4.42
CA LEU B 461 7.99 -34.66 -5.79
C LEU B 461 8.06 -33.14 -5.98
N MET B 462 7.52 -32.38 -5.03
CA MET B 462 7.51 -30.92 -5.15
C MET B 462 8.92 -30.35 -5.19
N GLU B 463 9.82 -30.88 -4.35
CA GLU B 463 11.20 -30.39 -4.32
C GLU B 463 11.95 -30.78 -5.60
N ARG B 464 11.69 -31.98 -6.12
CA ARG B 464 12.30 -32.37 -7.39
C ARG B 464 11.81 -31.50 -8.54
N LEU B 465 10.49 -31.24 -8.63
CA LEU B 465 10.00 -30.36 -9.68
C LEU B 465 10.68 -29.00 -9.61
N ASN B 466 10.80 -28.43 -8.40
CA ASN B 466 11.35 -27.09 -8.28
C ASN B 466 12.84 -27.08 -8.61
N LYS B 467 13.54 -28.18 -8.39
CA LYS B 467 14.96 -28.20 -8.70
C LYS B 467 15.20 -28.24 -10.21
N THR B 468 14.24 -28.70 -11.02
CA THR B 468 14.44 -28.67 -12.48
C THR B 468 14.55 -27.25 -13.02
N GLY B 469 13.99 -26.28 -12.31
CA GLY B 469 13.86 -24.96 -12.86
C GLY B 469 12.73 -24.79 -13.86
N LYS B 470 12.01 -25.85 -14.21
CA LYS B 470 10.93 -25.77 -15.19
C LYS B 470 9.55 -25.71 -14.52
N ALA B 471 9.50 -25.46 -13.22
CA ALA B 471 8.26 -25.35 -12.48
C ALA B 471 8.53 -24.71 -11.14
N TYR B 472 7.52 -24.05 -10.60
CA TYR B 472 7.48 -23.68 -9.19
C TYR B 472 6.14 -24.15 -8.66
N VAL B 473 6.18 -25.19 -7.84
CA VAL B 473 5.01 -25.75 -7.21
C VAL B 473 5.22 -25.61 -5.70
N ALA B 474 4.14 -25.26 -5.01
CA ALA B 474 4.12 -25.17 -3.57
C ALA B 474 2.88 -25.89 -3.07
N HIS B 475 2.85 -26.15 -1.78
CA HIS B 475 1.95 -27.13 -1.20
C HIS B 475 0.90 -26.49 -0.30
N THR B 476 -0.02 -27.33 0.15
CA THR B 476 -0.86 -26.97 1.29
C THR B 476 -1.22 -28.26 2.04
N VAL B 477 -2.06 -28.12 3.06
CA VAL B 477 -2.55 -29.27 3.81
C VAL B 477 -4.06 -29.22 3.81
N VAL B 478 -4.68 -30.30 3.36
CA VAL B 478 -6.13 -30.42 3.20
C VAL B 478 -6.55 -31.69 3.91
N GLY B 479 -7.40 -31.55 4.93
CA GLY B 479 -7.83 -32.71 5.70
C GLY B 479 -6.70 -33.52 6.27
N GLY B 480 -5.65 -32.86 6.74
CA GLY B 480 -4.52 -33.58 7.30
C GLY B 480 -3.56 -34.18 6.31
N ARG B 481 -3.75 -33.93 5.02
CA ARG B 481 -2.89 -34.55 4.00
C ARG B 481 -2.06 -33.48 3.30
N PHE B 482 -0.78 -33.79 3.11
CA PHE B 482 0.11 -32.96 2.30
C PHE B 482 -0.34 -33.00 0.84
N VAL B 483 -0.59 -31.84 0.27
CA VAL B 483 -1.24 -31.69 -1.03
C VAL B 483 -0.48 -30.67 -1.87
N LEU B 484 -0.31 -30.95 -3.15
CA LEU B 484 0.32 -30.00 -4.07
C LEU B 484 -0.76 -29.09 -4.67
N ARG B 485 -0.49 -27.79 -4.71
CA ARG B 485 -1.35 -26.88 -5.43
C ARG B 485 -0.84 -26.70 -6.85
N PHE B 486 -1.75 -26.43 -7.76
CA PHE B 486 -1.37 -26.10 -9.13
C PHE B 486 -2.24 -24.95 -9.60
N ALA B 487 -1.68 -23.74 -9.53
CA ALA B 487 -2.41 -22.51 -9.81
C ALA B 487 -2.09 -22.07 -11.24
N VAL B 488 -3.08 -22.21 -12.12
CA VAL B 488 -2.94 -21.88 -13.53
C VAL B 488 -3.23 -20.40 -13.73
N GLY B 489 -2.55 -19.76 -14.68
CA GLY B 489 -2.95 -18.42 -15.03
C GLY B 489 -1.87 -17.37 -15.16
N SER B 490 -0.60 -17.71 -14.88
CA SER B 490 0.48 -16.78 -15.16
C SER B 490 0.35 -16.22 -16.57
N SER B 491 0.60 -14.92 -16.73
CA SER B 491 0.10 -14.23 -17.90
C SER B 491 0.66 -14.78 -19.22
N LEU B 492 1.98 -15.09 -19.27
CA LEU B 492 2.61 -15.69 -20.44
C LEU B 492 2.29 -17.17 -20.63
N GLN B 493 1.56 -17.78 -19.71
CA GLN B 493 1.38 -19.22 -19.73
C GLN B 493 0.33 -19.64 -20.77
N GLU B 494 0.66 -20.66 -21.55
CA GLU B 494 -0.23 -21.21 -22.55
C GLU B 494 -0.52 -22.67 -22.22
N GLU B 495 -1.48 -23.24 -22.97
CA GLU B 495 -1.91 -24.60 -22.67
C GLU B 495 -0.77 -25.61 -22.78
N HIS B 496 0.16 -25.40 -23.71
CA HIS B 496 1.24 -26.37 -23.84
C HIS B 496 2.18 -26.34 -22.64
N HIS B 497 2.30 -25.19 -21.97
CA HIS B 497 3.07 -25.12 -20.73
C HIS B 497 2.45 -25.98 -19.64
N VAL B 498 1.12 -25.98 -19.54
CA VAL B 498 0.45 -26.80 -18.55
C VAL B 498 0.60 -28.28 -18.88
N ARG B 499 0.41 -28.65 -20.15
CA ARG B 499 0.62 -30.04 -20.55
C ARG B 499 2.06 -30.46 -20.30
N SER B 500 3.02 -29.58 -20.59
CA SER B 500 4.43 -29.95 -20.37
C SER B 500 4.74 -30.14 -18.89
N ALA B 501 4.13 -29.30 -18.03
CA ALA B 501 4.26 -29.49 -16.59
C ALA B 501 3.71 -30.85 -16.15
N TRP B 502 2.58 -31.27 -16.73
CA TRP B 502 2.00 -32.57 -16.35
C TRP B 502 2.92 -33.73 -16.76
N GLU B 503 3.51 -33.67 -17.97
CA GLU B 503 4.49 -34.67 -18.37
C GLU B 503 5.67 -34.71 -17.40
N LEU B 504 6.14 -33.54 -16.98
CA LEU B 504 7.25 -33.48 -16.03
C LEU B 504 6.85 -34.08 -14.68
N ILE B 505 5.61 -33.82 -14.23
CA ILE B 505 5.12 -34.45 -13.01
C ILE B 505 5.11 -35.97 -13.14
N LYS B 506 4.64 -36.47 -14.29
CA LYS B 506 4.60 -37.91 -14.51
C LYS B 506 6.01 -38.49 -14.55
N LYS B 507 6.91 -37.85 -15.29
CA LYS B 507 8.28 -38.32 -15.40
C LYS B 507 8.95 -38.35 -14.03
N THR B 508 8.79 -37.27 -13.25
CA THR B 508 9.41 -37.19 -11.93
C THR B 508 8.84 -38.25 -10.98
N THR B 509 7.52 -38.42 -10.96
CA THR B 509 6.93 -39.45 -10.11
C THR B 509 7.46 -40.83 -10.47
N THR B 510 7.53 -41.13 -11.77
CA THR B 510 7.96 -42.45 -12.24
C THR B 510 9.37 -42.79 -11.76
N GLU B 511 10.33 -41.87 -11.96
CA GLU B 511 11.67 -42.15 -11.47
C GLU B 511 11.78 -42.10 -9.94
N MET B 512 10.77 -41.58 -9.24
CA MET B 512 10.75 -41.67 -7.77
C MET B 512 10.38 -43.07 -7.30
N MET B 513 9.32 -43.66 -7.87
CA MET B 513 8.90 -45.04 -7.64
C MET B 513 9.90 -46.09 -8.25
N ASN B 514 11.06 -45.65 -8.71
CA ASN B 514 12.08 -46.52 -9.31
C ASN B 514 11.51 -47.38 -10.43
N1 PLP C . 3.64 12.94 8.77
C2 PLP C . 4.23 14.12 8.38
C2A PLP C . 5.16 14.88 9.28
C3 PLP C . 3.95 14.65 7.12
O3 PLP C . 4.57 15.83 6.79
C4 PLP C . 3.08 13.98 6.23
C4A PLP C . 2.92 14.45 4.80
C5 PLP C . 2.51 12.78 6.61
C6 PLP C . 2.79 12.27 7.89
C5A PLP C . 1.56 12.04 5.66
O4P PLP C . 1.58 10.64 5.91
P PLP C . 1.04 9.53 4.85
O1P PLP C . 0.13 10.27 3.88
O2P PLP C . 2.21 8.86 4.09
O3P PLP C . 0.25 8.43 5.55
OH SRO D . -0.85 -12.72 -7.24
CZ3 SRO D . -0.86 -12.40 -5.88
CH2 SRO D . -0.87 -11.07 -5.50
CZ2 SRO D . -0.88 -10.73 -4.14
CE2 SRO D . -0.88 -11.76 -3.17
NE1 SRO D . -0.90 -11.73 -1.79
CD1 SRO D . -0.90 -13.02 -1.34
CG SRO D . -0.89 -13.86 -2.44
CD2 SRO D . -0.87 -13.08 -3.56
CE3 SRO D . -0.85 -13.42 -4.94
CB SRO D . -0.89 -15.35 -2.10
CA SRO D . -0.28 -15.45 -0.70
NZ SRO D . -1.20 -15.96 0.31
CA CA E . 14.96 20.98 -6.54
CA CA F . 9.74 -17.04 11.98
C1 PEG G . -18.06 -0.49 -26.98
O1 PEG G . -18.63 -1.62 -26.39
C2 PEG G . -16.79 -0.96 -27.68
O2 PEG G . -16.16 0.15 -28.28
C3 PEG G . -15.02 -0.15 -29.06
C4 PEG G . -13.82 0.72 -28.65
O4 PEG G . -14.08 2.11 -28.66
C ACT H . 18.47 -1.64 7.97
O ACT H . 18.49 -2.54 7.05
OXT ACT H . 19.37 -0.83 8.33
CH3 ACT H . 17.20 -1.45 8.71
N1 PLP I . -7.33 -13.65 1.07
C2 PLP I . -7.37 -14.54 0.02
C2A PLP I . -8.58 -15.40 -0.23
C3 PLP I . -6.27 -14.65 -0.82
O3 PLP I . -6.28 -15.54 -1.88
C4 PLP I . -5.13 -13.89 -0.60
C4A PLP I . -4.19 -13.68 -1.75
C5 PLP I . -5.10 -12.99 0.45
C6 PLP I . -6.20 -12.87 1.29
C5A PLP I . -3.85 -12.16 0.65
O4P PLP I . -4.20 -10.85 1.00
P PLP I . -3.19 -9.61 0.82
O1P PLP I . -3.70 -8.75 -0.33
O2P PLP I . -3.20 -8.89 2.16
O3P PLP I . -1.78 -10.04 0.52
CA CA J . -4.10 -16.76 -19.45
CA CA K . -25.65 13.26 -16.02
C1 PEG L . -17.91 -24.17 -21.90
O1 PEG L . -17.30 -25.43 -21.97
C2 PEG L . -17.71 -23.61 -20.50
O2 PEG L . -17.72 -22.21 -20.56
C3 PEG L . -18.96 -21.65 -20.91
C4 PEG L . -18.83 -20.12 -21.00
O4 PEG L . -18.91 -19.74 -22.34
C ACT M . -4.17 -20.06 5.20
O ACT M . -4.58 -20.39 4.03
OXT ACT M . -4.14 -20.77 6.27
CH3 ACT M . -3.66 -18.61 5.35
#